data_3GSZ
#
_entry.id   3GSZ
#
_cell.length_a   153.251
_cell.length_b   64.497
_cell.length_c   135.583
_cell.angle_alpha   90.00
_cell.angle_beta   90.16
_cell.angle_gamma   90.00
#
_symmetry.space_group_name_H-M   'C 1 2 1'
#
loop_
_entity.id
_entity.type
_entity.pdbx_description
1 polymer 'RNA-directed RNA polymerase'
2 water water
#
_entity_poly.entity_id   1
_entity_poly.type   'polypeptide(L)'
_entity_poly.pdbx_seq_one_letter_code
;SMSYTWTGALITPCGPEEEKLPINPLSNSLMRFHNKVYSTTSRSASLRAKKVTFDRVQVLDAHYDSVLQDVKRAASKVSA
RLLTVEEACALTPPHSAKSRYGFGAKEVRSLSRRAVNHIRSVWEDLLEDQHTPIDTTIMAKNEVFCIDPTKGGKKPARLI
VYPDLGVRVCEKMALYDIAQKLPKAIMGPSYGFQYSPAERVDFLLKAWGSKKDPMGFSYDTRCFDSTVTERDIRTEESIY
QACSLPQEARTVIHSLTERLYVGGPMTNSKGQSCGYRRCRASGVFTTSMGNTMTCYIKALAACKAAGIVDPVMLVCGDDL
VVISESQGNEEDERNLRAFTEAMTRYSAPPGDLPRPEYDLELITSCSSNVSVALDSRGRRRYFLTRDPTTPITRAAWETV
RHSPVNSWLGNIIQYAPTIWVRMVIMTHFFSILLAQDTLNQNLNFEMYGAVYSVNPLDLPAIIERLHGLEAFSLHTYSPH
ELSRVAATLRKLGAPPLRAWKSRARAVRASLIAQGARAAICGRYLFNWAVKTKLKLTPLPEASRLDLSGWFTVGAGGGDI
YHS
;
_entity_poly.pdbx_strand_id   A,B
#
# COMPACT_ATOMS: atom_id res chain seq x y z
N SER A 1 2.15 -13.47 4.32
CA SER A 1 3.57 -13.42 4.69
C SER A 1 3.68 -13.96 6.11
N MET A 2 4.89 -14.38 6.47
CA MET A 2 5.19 -14.90 7.80
C MET A 2 5.31 -13.74 8.78
N SER A 3 4.70 -13.87 9.96
CA SER A 3 4.80 -12.81 10.99
C SER A 3 6.26 -12.53 11.31
N TYR A 4 7.04 -13.61 11.40
CA TYR A 4 8.45 -13.59 11.69
C TYR A 4 9.20 -14.66 10.90
N THR A 5 10.44 -14.34 10.59
CA THR A 5 11.51 -15.32 10.19
C THR A 5 12.64 -15.16 11.16
N TRP A 6 13.36 -16.27 11.36
CA TRP A 6 14.35 -16.40 12.38
C TRP A 6 15.63 -16.93 11.73
N THR A 7 16.74 -16.34 12.10
CA THR A 7 18.07 -16.82 11.60
C THR A 7 18.55 -18.04 12.40
N GLY A 8 18.06 -18.20 13.63
CA GLY A 8 18.47 -19.26 14.54
C GLY A 8 19.30 -18.81 15.73
N ALA A 9 19.83 -17.57 15.71
CA ALA A 9 20.40 -16.97 16.91
C ALA A 9 19.31 -16.93 17.98
N LEU A 10 19.69 -17.09 19.23
CA LEU A 10 18.74 -17.16 20.30
C LEU A 10 18.32 -15.76 20.75
N ILE A 11 17.17 -15.72 21.41
CA ILE A 11 16.79 -14.48 22.12
C ILE A 11 17.54 -14.50 23.45
N THR A 12 18.44 -13.57 23.65
CA THR A 12 19.31 -13.56 24.80
C THR A 12 18.98 -12.55 25.87
N PRO A 13 19.37 -12.85 27.10
CA PRO A 13 19.09 -11.97 28.21
C PRO A 13 20.12 -10.87 28.24
N CYS A 14 19.84 -9.82 28.98
CA CYS A 14 20.85 -8.81 29.25
C CYS A 14 21.78 -9.19 30.43
N GLY A 15 21.23 -9.24 31.63
CA GLY A 15 21.99 -9.68 32.79
C GLY A 15 21.34 -10.92 33.41
N PRO A 16 21.57 -11.12 34.71
CA PRO A 16 20.95 -12.27 35.40
C PRO A 16 19.42 -12.15 35.37
N GLU A 17 18.80 -13.34 35.36
CA GLU A 17 17.32 -13.47 35.42
C GLU A 17 16.94 -14.46 36.54
N GLU A 18 16.20 -13.99 37.53
CA GLU A 18 15.84 -14.82 38.67
C GLU A 18 14.53 -15.49 38.28
N GLU A 19 14.43 -16.78 38.43
CA GLU A 19 13.24 -17.50 38.05
C GLU A 19 12.25 -17.70 39.19
N LYS A 20 12.75 -17.72 40.42
CA LYS A 20 11.92 -18.15 41.54
C LYS A 20 11.89 -17.08 42.65
N LEU A 21 10.76 -17.04 43.34
CA LEU A 21 10.57 -16.12 44.46
C LEU A 21 11.43 -16.62 45.62
N PRO A 22 12.30 -15.80 46.17
CA PRO A 22 13.10 -16.27 47.30
C PRO A 22 12.24 -16.47 48.56
N ILE A 23 12.71 -17.28 49.50
CA ILE A 23 12.06 -17.50 50.79
C ILE A 23 12.51 -16.38 51.74
N ASN A 24 11.66 -15.37 52.00
CA ASN A 24 12.04 -14.20 52.82
C ASN A 24 10.88 -13.88 53.77
N PRO A 25 11.15 -13.52 55.03
CA PRO A 25 10.07 -13.27 55.99
C PRO A 25 9.11 -12.13 55.57
N LEU A 26 9.57 -11.13 54.84
CA LEU A 26 8.75 -9.95 54.47
C LEU A 26 7.75 -10.30 53.36
N SER A 27 8.10 -11.25 52.51
CA SER A 27 7.18 -11.74 51.49
C SER A 27 6.37 -12.94 52.01
N ASN A 28 6.96 -13.76 52.90
CA ASN A 28 6.28 -14.96 53.50
C ASN A 28 5.02 -14.63 54.29
N SER A 29 5.06 -13.47 54.92
CA SER A 29 3.88 -12.95 55.68
C SER A 29 2.68 -12.64 54.81
N LEU A 30 2.93 -12.41 53.56
CA LEU A 30 1.88 -12.16 52.57
C LEU A 30 1.41 -13.43 51.99
N MET A 31 2.34 -14.29 51.57
CA MET A 31 1.96 -15.61 51.08
C MET A 31 3.10 -16.60 51.28
N ARG A 32 2.70 -17.78 51.72
CA ARG A 32 3.71 -18.75 52.09
C ARG A 32 4.17 -19.67 50.96
N PHE A 33 3.38 -19.85 49.91
CA PHE A 33 3.72 -20.91 48.91
C PHE A 33 4.61 -20.31 47.79
N HIS A 34 5.82 -19.97 48.18
CA HIS A 34 6.80 -19.37 47.32
C HIS A 34 7.15 -20.21 46.07
N ASN A 35 7.08 -21.53 46.17
CA ASN A 35 7.34 -22.39 45.01
C ASN A 35 6.33 -22.33 43.89
N LYS A 36 5.17 -21.71 44.15
CA LYS A 36 4.19 -21.50 43.13
C LYS A 36 4.45 -20.25 42.22
N VAL A 37 5.38 -19.41 42.62
CA VAL A 37 5.60 -18.12 42.01
C VAL A 37 6.79 -18.24 41.10
N TYR A 38 6.67 -17.75 39.85
CA TYR A 38 7.80 -17.75 38.96
C TYR A 38 7.86 -16.49 38.15
N SER A 39 9.05 -16.15 37.67
CA SER A 39 9.25 -15.14 36.62
C SER A 39 9.59 -15.72 35.26
N THR A 40 8.99 -15.18 34.19
CA THR A 40 9.36 -15.63 32.86
C THR A 40 10.80 -15.17 32.62
N THR A 41 11.51 -15.87 31.74
CA THR A 41 12.90 -15.53 31.39
C THR A 41 13.15 -15.96 29.91
N SER A 42 14.29 -15.54 29.43
CA SER A 42 14.73 -15.85 28.08
C SER A 42 14.85 -17.31 27.83
N ARG A 43 14.94 -18.14 28.88
CA ARG A 43 14.94 -19.61 28.68
C ARG A 43 13.75 -20.17 27.92
N SER A 44 12.57 -19.49 28.01
CA SER A 44 11.41 -19.93 27.31
C SER A 44 11.13 -19.13 26.04
N ALA A 45 12.02 -18.27 25.64
CA ALA A 45 11.72 -17.36 24.50
C ALA A 45 11.47 -18.14 23.22
N SER A 46 12.18 -19.25 23.02
CA SER A 46 11.88 -20.03 21.77
C SER A 46 10.50 -20.63 21.74
N LEU A 47 9.92 -20.99 22.88
CA LEU A 47 8.54 -21.46 22.93
C LEU A 47 7.52 -20.41 22.50
N ARG A 48 7.75 -19.20 22.95
CA ARG A 48 6.90 -18.09 22.52
C ARG A 48 7.11 -17.79 21.02
N ALA A 49 8.36 -17.78 20.54
CA ALA A 49 8.64 -17.54 19.14
C ALA A 49 7.87 -18.52 18.23
N LYS A 50 7.78 -19.77 18.63
CA LYS A 50 6.94 -20.71 17.91
C LYS A 50 5.47 -20.27 17.82
N LYS A 51 4.89 -19.96 18.95
CA LYS A 51 3.51 -19.57 18.99
C LYS A 51 3.20 -18.31 18.14
N VAL A 52 4.11 -17.35 18.11
CA VAL A 52 3.83 -16.06 17.43
C VAL A 52 4.18 -16.04 15.96
N THR A 53 4.72 -17.16 15.44
CA THR A 53 5.23 -17.25 14.08
C THR A 53 4.31 -18.07 13.21
N PHE A 54 3.75 -17.45 12.19
CA PHE A 54 2.74 -18.14 11.38
C PHE A 54 2.46 -17.26 10.17
N ASP A 55 1.89 -17.85 9.12
CA ASP A 55 1.54 -17.11 7.89
C ASP A 55 0.18 -16.43 8.05
N ARG A 56 0.02 -15.21 7.57
CA ARG A 56 -1.26 -14.52 7.63
C ARG A 56 -1.85 -14.50 6.21
N VAL A 57 -3.13 -14.81 6.12
CA VAL A 57 -3.92 -14.64 4.90
C VAL A 57 -5.08 -13.76 5.33
N GLN A 58 -5.24 -12.67 4.68
CA GLN A 58 -6.33 -11.79 5.01
C GLN A 58 -7.16 -11.60 3.77
N VAL A 59 -8.47 -11.68 3.95
CA VAL A 59 -9.43 -11.47 2.92
C VAL A 59 -10.39 -10.47 3.47
N LEU A 60 -10.42 -9.31 2.87
CA LEU A 60 -11.32 -8.23 3.21
C LEU A 60 -12.61 -8.25 2.36
N ASP A 61 -13.66 -7.56 2.82
CA ASP A 61 -15.01 -7.55 2.19
C ASP A 61 -15.67 -6.25 2.37
N ALA A 62 -16.92 -6.16 1.92
CA ALA A 62 -17.64 -4.91 1.91
C ALA A 62 -17.91 -4.38 3.30
N HIS A 63 -18.06 -5.28 4.27
CA HIS A 63 -18.34 -4.82 5.65
C HIS A 63 -17.09 -4.08 6.20
N TYR A 64 -15.90 -4.63 5.96
CA TYR A 64 -14.64 -4.02 6.41
C TYR A 64 -14.52 -2.63 5.70
N ASP A 65 -14.77 -2.65 4.38
CA ASP A 65 -14.61 -1.45 3.58
C ASP A 65 -15.45 -0.28 4.07
N SER A 66 -16.71 -0.56 4.43
CA SER A 66 -17.57 0.53 4.87
C SER A 66 -17.14 1.07 6.24
N VAL A 67 -16.67 0.19 7.15
CA VAL A 67 -16.21 0.64 8.43
C VAL A 67 -14.99 1.55 8.27
N LEU A 68 -14.01 1.06 7.50
CA LEU A 68 -12.81 1.83 7.17
C LEU A 68 -13.13 3.20 6.59
N GLN A 69 -14.07 3.27 5.64
CA GLN A 69 -14.45 4.56 5.05
C GLN A 69 -15.00 5.54 6.14
N ASP A 70 -15.86 5.03 7.05
CA ASP A 70 -16.39 5.83 8.14
C ASP A 70 -15.28 6.36 9.03
N VAL A 71 -14.32 5.48 9.30
CA VAL A 71 -13.21 5.82 10.15
C VAL A 71 -12.37 6.97 9.53
N LYS A 72 -12.06 6.91 8.24
CA LYS A 72 -11.23 7.92 7.59
C LYS A 72 -11.98 9.26 7.54
N ARG A 73 -13.29 9.24 7.33
CA ARG A 73 -14.12 10.41 7.38
C ARG A 73 -14.13 11.00 8.74
N ALA A 74 -14.23 10.18 9.79
CA ALA A 74 -14.07 10.71 11.15
C ALA A 74 -12.65 11.28 11.42
N ALA A 75 -11.63 10.63 10.92
CA ALA A 75 -10.26 11.11 11.16
C ALA A 75 -10.07 12.49 10.52
N SER A 76 -10.80 12.79 9.44
CA SER A 76 -10.76 14.09 8.76
C SER A 76 -10.95 15.26 9.65
N LYS A 77 -11.68 15.11 10.74
CA LYS A 77 -11.93 16.24 11.63
C LYS A 77 -10.83 16.56 12.67
N VAL A 78 -9.81 15.72 12.77
CA VAL A 78 -8.75 15.88 13.76
C VAL A 78 -7.64 16.74 13.15
N SER A 79 -7.12 17.66 13.92
CA SER A 79 -5.91 18.35 13.56
C SER A 79 -4.86 18.17 14.65
N ALA A 80 -3.62 17.94 14.23
CA ALA A 80 -2.55 17.72 15.16
C ALA A 80 -1.29 18.43 14.84
N ARG A 81 -0.40 18.47 15.81
CA ARG A 81 0.88 19.15 15.72
C ARG A 81 2.02 18.23 16.16
N LEU A 82 3.26 18.64 15.85
CA LEU A 82 4.47 18.02 16.31
C LEU A 82 4.81 18.50 17.71
N LEU A 83 5.45 17.63 18.48
CA LEU A 83 6.02 18.04 19.75
C LEU A 83 7.33 18.64 19.57
N THR A 84 7.75 19.56 20.45
CA THR A 84 9.15 19.99 20.48
C THR A 84 10.03 18.85 21.04
N VAL A 85 11.32 18.90 20.77
CA VAL A 85 12.27 17.92 21.36
C VAL A 85 12.16 17.93 22.89
N GLU A 86 12.11 19.12 23.49
CA GLU A 86 11.96 19.19 24.97
C GLU A 86 10.72 18.53 25.52
N GLU A 87 9.60 18.63 24.82
CA GLU A 87 8.35 18.01 25.23
C GLU A 87 8.41 16.48 25.16
N ALA A 88 9.04 15.97 24.11
CA ALA A 88 9.18 14.51 23.91
C ALA A 88 10.15 13.96 24.91
N CYS A 89 11.19 14.73 25.23
CA CYS A 89 12.17 14.32 26.21
C CYS A 89 11.51 14.18 27.58
N ALA A 90 10.56 15.08 27.92
CA ALA A 90 9.89 15.03 29.22
C ALA A 90 8.95 13.79 29.35
N LEU A 91 8.45 13.28 28.22
CA LEU A 91 7.65 12.07 28.15
C LEU A 91 8.42 10.75 28.28
N THR A 92 9.76 10.81 28.28
CA THR A 92 10.63 9.66 28.35
C THR A 92 10.73 9.09 29.78
N PRO A 93 10.36 7.82 30.03
CA PRO A 93 10.49 7.27 31.39
C PRO A 93 11.93 7.27 31.90
N PRO A 94 12.10 7.63 33.17
CA PRO A 94 13.44 7.71 33.75
C PRO A 94 14.23 6.40 33.61
N HIS A 95 13.57 5.25 33.47
CA HIS A 95 14.30 3.96 33.37
C HIS A 95 14.20 3.25 32.01
N SER A 96 13.93 4.05 31.01
CA SER A 96 13.76 3.59 29.63
C SER A 96 15.12 3.06 29.16
N ALA A 97 15.13 2.01 28.34
CA ALA A 97 16.38 1.46 27.80
C ALA A 97 17.34 2.50 27.20
N LYS A 98 18.57 2.54 27.69
CA LYS A 98 19.58 3.41 27.13
C LYS A 98 19.85 3.21 25.63
N SER A 99 20.38 4.25 25.01
CA SER A 99 20.76 4.26 23.61
C SER A 99 22.11 3.63 23.39
N ARG A 100 22.32 3.12 22.20
CA ARG A 100 23.65 2.56 21.93
C ARG A 100 24.64 3.66 21.58
N TYR A 101 24.16 4.89 21.40
CA TYR A 101 25.00 5.99 20.95
C TYR A 101 25.46 6.81 22.11
N GLY A 102 25.67 6.18 23.25
CA GLY A 102 26.32 6.81 24.38
C GLY A 102 25.57 7.66 25.38
N PHE A 103 24.26 7.46 25.51
CA PHE A 103 23.47 8.25 26.48
C PHE A 103 22.27 7.42 26.85
N GLY A 104 21.64 7.74 27.97
CA GLY A 104 20.40 7.05 28.32
C GLY A 104 19.27 7.98 28.68
N ALA A 105 18.29 7.44 29.42
CA ALA A 105 17.11 8.17 29.71
C ALA A 105 17.38 9.36 30.61
N LYS A 106 18.31 9.22 31.54
CA LYS A 106 18.65 10.36 32.37
C LYS A 106 19.12 11.56 31.51
N GLU A 107 19.93 11.32 30.49
CA GLU A 107 20.47 12.37 29.64
C GLU A 107 19.38 12.99 28.76
N VAL A 108 18.45 12.15 28.30
CA VAL A 108 17.31 12.63 27.49
C VAL A 108 16.50 13.58 28.32
N ARG A 109 16.15 13.12 29.52
CA ARG A 109 15.35 13.90 30.47
C ARG A 109 15.96 15.22 30.92
N SER A 110 17.29 15.30 30.99
CA SER A 110 18.02 16.51 31.43
C SER A 110 18.39 17.37 30.22
N LEU A 111 18.01 16.92 29.01
CA LEU A 111 18.32 17.61 27.77
C LEU A 111 19.80 17.78 27.53
N SER A 112 20.60 16.74 27.77
CA SER A 112 22.01 16.78 27.50
C SER A 112 22.22 17.04 26.03
N ARG A 113 23.25 17.80 25.72
CA ARG A 113 23.48 18.21 24.36
C ARG A 113 23.77 17.00 23.49
N ARG A 114 24.41 15.99 24.05
CA ARG A 114 24.69 14.81 23.29
C ARG A 114 23.38 14.12 22.84
N ALA A 115 22.49 13.91 23.81
CA ALA A 115 21.20 13.22 23.57
C ALA A 115 20.37 14.06 22.59
N VAL A 116 20.28 15.35 22.85
CA VAL A 116 19.45 16.23 22.04
C VAL A 116 19.98 16.28 20.55
N ASN A 117 21.30 16.44 20.43
CA ASN A 117 21.88 16.48 19.09
C ASN A 117 21.72 15.17 18.35
N HIS A 118 21.85 14.06 19.06
CA HIS A 118 21.58 12.77 18.52
C HIS A 118 20.16 12.65 17.99
N ILE A 119 19.21 12.98 18.82
CA ILE A 119 17.80 12.90 18.46
C ILE A 119 17.50 13.82 17.25
N ARG A 120 18.12 15.01 17.17
CA ARG A 120 17.97 15.84 15.94
C ARG A 120 18.51 15.16 14.72
N SER A 121 19.60 14.45 14.85
CA SER A 121 20.15 13.61 13.78
C SER A 121 19.20 12.51 13.26
N VAL A 122 18.60 11.81 14.19
CA VAL A 122 17.57 10.78 13.91
C VAL A 122 16.37 11.41 13.19
N TRP A 123 15.94 12.58 13.65
CA TRP A 123 14.82 13.24 13.06
C TRP A 123 15.09 13.58 11.57
N GLU A 124 16.24 14.13 11.32
CA GLU A 124 16.69 14.56 9.99
C GLU A 124 16.83 13.36 9.10
N ASP A 125 17.27 12.22 9.64
CA ASP A 125 17.37 11.04 8.84
C ASP A 125 15.97 10.48 8.46
N LEU A 126 15.00 10.59 9.35
CA LEU A 126 13.64 10.18 9.01
C LEU A 126 13.03 11.09 7.96
N LEU A 127 13.39 12.37 7.95
CA LEU A 127 12.96 13.26 6.91
C LEU A 127 13.59 12.99 5.60
N GLU A 128 14.79 12.45 5.59
CA GLU A 128 15.56 12.29 4.34
C GLU A 128 15.39 10.93 3.69
N ASP A 129 15.31 9.88 4.49
CA ASP A 129 15.29 8.51 4.05
C ASP A 129 13.96 7.90 4.54
N GLN A 130 13.11 7.58 3.60
CA GLN A 130 11.75 7.09 3.90
C GLN A 130 11.67 5.57 3.69
N HIS A 131 12.78 4.88 3.56
CA HIS A 131 12.72 3.43 3.20
C HIS A 131 13.63 2.40 3.87
N THR A 132 14.80 2.79 4.38
CA THR A 132 15.74 1.80 4.92
C THR A 132 15.17 1.28 6.22
N PRO A 133 14.97 -0.03 6.32
CA PRO A 133 14.51 -0.60 7.60
C PRO A 133 15.43 -0.21 8.78
N ILE A 134 14.77 0.15 9.89
CA ILE A 134 15.39 0.55 11.15
C ILE A 134 15.58 -0.67 12.04
N ASP A 135 16.74 -0.77 12.64
CA ASP A 135 17.07 -1.86 13.51
C ASP A 135 16.22 -1.84 14.77
N THR A 136 15.88 -3.01 15.21
CA THR A 136 15.21 -3.21 16.49
C THR A 136 15.96 -4.26 17.34
N THR A 137 15.71 -4.24 18.63
CA THR A 137 16.15 -5.27 19.54
C THR A 137 14.97 -6.14 19.94
N ILE A 138 15.19 -7.46 20.02
CA ILE A 138 14.18 -8.37 20.55
C ILE A 138 14.69 -8.88 21.93
N MET A 139 13.82 -8.79 22.95
CA MET A 139 14.08 -9.28 24.28
C MET A 139 12.90 -10.06 24.82
N ALA A 140 13.20 -10.97 25.74
CA ALA A 140 12.16 -11.74 26.49
C ALA A 140 11.79 -10.95 27.73
N LYS A 141 10.51 -10.67 27.94
CA LYS A 141 10.10 -9.98 29.20
C LYS A 141 10.19 -10.85 30.47
N ASN A 142 10.58 -10.25 31.57
CA ASN A 142 10.56 -10.91 32.85
C ASN A 142 9.32 -10.43 33.58
N GLU A 143 8.30 -11.30 33.64
CA GLU A 143 7.06 -10.99 34.31
C GLU A 143 6.73 -12.12 35.27
N VAL A 144 6.08 -11.77 36.37
CA VAL A 144 5.82 -12.68 37.47
C VAL A 144 4.37 -13.19 37.42
N PHE A 145 4.21 -14.47 37.68
CA PHE A 145 2.93 -15.14 37.70
C PHE A 145 2.96 -16.25 38.75
N CYS A 146 1.78 -16.81 38.96
CA CYS A 146 1.57 -17.99 39.77
C CYS A 146 1.30 -19.18 38.83
N ILE A 147 1.89 -20.33 39.16
CA ILE A 147 1.69 -21.56 38.38
C ILE A 147 0.24 -21.85 38.32
N ASP A 148 -0.26 -22.18 37.14
CA ASP A 148 -1.64 -22.63 36.95
C ASP A 148 -1.74 -24.11 36.47
N LYS A 154 3.77 -23.26 33.39
CA LYS A 154 4.40 -21.97 33.28
C LYS A 154 4.23 -21.47 31.87
N LYS A 155 3.82 -20.22 31.76
CA LYS A 155 3.72 -19.61 30.47
C LYS A 155 5.06 -19.12 29.96
N PRO A 156 5.29 -19.19 28.66
CA PRO A 156 6.54 -18.68 28.12
C PRO A 156 6.61 -17.18 28.17
N ALA A 157 7.78 -16.61 28.18
CA ALA A 157 7.95 -15.16 28.24
C ALA A 157 7.34 -14.51 27.04
N ARG A 158 6.74 -13.35 27.22
CA ARG A 158 6.40 -12.48 26.10
C ARG A 158 7.67 -11.89 25.50
N LEU A 159 7.63 -11.56 24.22
CA LEU A 159 8.75 -10.96 23.50
C LEU A 159 8.48 -9.46 23.30
N ILE A 160 9.48 -8.63 23.44
CA ILE A 160 9.29 -7.23 23.17
C ILE A 160 10.29 -6.85 22.05
N VAL A 161 9.85 -6.10 21.06
CA VAL A 161 10.68 -5.63 19.97
C VAL A 161 10.60 -4.11 20.00
N TYR A 162 11.74 -3.47 20.04
CA TYR A 162 11.80 -1.99 20.11
C TYR A 162 13.04 -1.41 19.46
N PRO A 163 12.91 -0.17 18.93
CA PRO A 163 14.01 0.54 18.33
C PRO A 163 14.80 1.30 19.37
N ASP A 164 15.91 1.84 18.93
CA ASP A 164 16.80 2.61 19.76
C ASP A 164 16.15 3.85 20.41
N LEU A 165 16.60 4.19 21.60
CA LEU A 165 16.02 5.32 22.37
C LEU A 165 15.90 6.61 21.54
N GLY A 166 16.88 6.90 20.68
CA GLY A 166 16.78 8.07 19.81
C GLY A 166 15.54 8.07 18.92
N VAL A 167 15.25 6.90 18.34
CA VAL A 167 14.08 6.67 17.53
C VAL A 167 12.78 6.79 18.35
N ARG A 168 12.79 6.22 19.54
CA ARG A 168 11.60 6.25 20.39
C ARG A 168 11.22 7.69 20.76
N VAL A 169 12.18 8.59 20.96
CA VAL A 169 11.81 9.94 21.20
C VAL A 169 11.21 10.61 19.97
N CYS A 170 11.79 10.34 18.81
CA CYS A 170 11.27 10.80 17.58
C CYS A 170 9.84 10.32 17.32
N GLU A 171 9.52 9.09 17.64
CA GLU A 171 8.15 8.65 17.46
C GLU A 171 7.15 9.51 18.24
N LYS A 172 7.47 9.83 19.50
CA LYS A 172 6.62 10.69 20.31
C LYS A 172 6.48 12.06 19.62
N MET A 173 7.57 12.62 19.16
CA MET A 173 7.46 13.92 18.54
C MET A 173 6.48 13.90 17.39
N ALA A 174 6.46 12.86 16.61
CA ALA A 174 5.56 12.78 15.44
C ALA A 174 4.16 12.37 15.73
N LEU A 175 3.93 11.52 16.76
CA LEU A 175 2.60 10.88 16.88
C LEU A 175 1.88 11.08 18.22
N TYR A 176 2.52 11.68 19.21
CA TYR A 176 1.90 11.84 20.53
C TYR A 176 0.64 12.67 20.48
N ASP A 177 0.63 13.80 19.71
CA ASP A 177 -0.57 14.61 19.63
C ASP A 177 -1.70 13.90 18.90
N ILE A 178 -1.42 13.20 17.78
CA ILE A 178 -2.39 12.35 17.13
C ILE A 178 -2.94 11.32 18.09
N ALA A 179 -2.08 10.70 18.90
CA ALA A 179 -2.54 9.69 19.85
C ALA A 179 -3.52 10.23 20.92
N GLN A 180 -3.40 11.49 21.32
CA GLN A 180 -4.31 12.07 22.29
C GLN A 180 -5.77 12.34 21.68
N LYS A 181 -5.88 12.44 20.38
CA LYS A 181 -7.08 12.92 19.72
C LYS A 181 -7.78 11.88 18.85
N LEU A 182 -6.98 11.06 18.17
CA LEU A 182 -7.51 10.28 17.08
C LEU A 182 -8.44 9.16 17.55
N PRO A 183 -8.03 8.37 18.55
CA PRO A 183 -8.91 7.27 18.95
C PRO A 183 -10.30 7.71 19.31
N LYS A 184 -10.45 8.75 20.09
CA LYS A 184 -11.78 9.17 20.49
C LYS A 184 -12.54 9.70 19.30
N ALA A 185 -11.87 10.40 18.40
CA ALA A 185 -12.56 10.94 17.25
C ALA A 185 -13.09 9.86 16.26
N ILE A 186 -12.40 8.75 16.14
CA ILE A 186 -12.87 7.70 15.27
C ILE A 186 -13.77 6.64 15.91
N MET A 187 -13.68 6.46 17.22
CA MET A 187 -14.46 5.40 17.91
C MET A 187 -15.46 5.88 18.92
N GLY A 188 -15.40 7.17 19.26
CA GLY A 188 -16.20 7.78 20.30
C GLY A 188 -16.21 6.95 21.56
N PRO A 189 -17.41 6.59 22.03
CA PRO A 189 -17.56 5.85 23.29
C PRO A 189 -16.90 4.49 23.31
N SER A 190 -16.60 3.89 22.16
CA SER A 190 -16.03 2.56 22.15
C SER A 190 -14.56 2.53 22.55
N TYR A 191 -13.89 3.69 22.53
CA TYR A 191 -12.47 3.72 22.78
C TYR A 191 -12.30 3.53 24.30
N GLY A 192 -11.77 2.42 24.75
CA GLY A 192 -11.86 2.11 26.17
C GLY A 192 -10.90 2.81 27.10
N PHE A 193 -9.76 3.22 26.60
CA PHE A 193 -8.73 3.90 27.39
C PHE A 193 -9.07 5.32 27.90
N GLN A 194 -10.10 5.95 27.34
CA GLN A 194 -10.59 7.23 27.84
C GLN A 194 -11.21 7.13 29.30
N TYR A 195 -11.66 5.95 29.69
CA TYR A 195 -12.42 5.76 30.92
C TYR A 195 -11.57 5.41 32.07
N SER A 196 -11.73 6.13 33.17
CA SER A 196 -11.20 5.70 34.47
C SER A 196 -11.92 4.39 34.87
N PRO A 197 -11.47 3.64 35.89
CA PRO A 197 -12.23 2.45 36.30
C PRO A 197 -13.69 2.66 36.55
N ALA A 198 -14.06 3.72 37.25
CA ALA A 198 -15.46 3.94 37.57
C ALA A 198 -16.26 4.33 36.32
N GLU A 199 -15.61 5.05 35.41
CA GLU A 199 -16.26 5.38 34.15
C GLU A 199 -16.43 4.14 33.25
N ARG A 200 -15.49 3.20 33.25
CA ARG A 200 -15.62 1.87 32.56
C ARG A 200 -16.82 1.10 33.07
N VAL A 201 -16.94 1.03 34.39
CA VAL A 201 -18.08 0.41 35.06
C VAL A 201 -19.38 1.03 34.61
N ASP A 202 -19.47 2.35 34.67
CA ASP A 202 -20.69 3.05 34.27
C ASP A 202 -21.03 2.78 32.80
N PHE A 203 -20.04 2.81 31.92
CA PHE A 203 -20.25 2.45 30.54
C PHE A 203 -20.90 1.07 30.35
N LEU A 204 -20.30 0.06 30.97
CA LEU A 204 -20.75 -1.28 30.87
C LEU A 204 -22.14 -1.47 31.48
N LEU A 205 -22.42 -0.89 32.64
CA LEU A 205 -23.70 -1.03 33.31
C LEU A 205 -24.78 -0.39 32.41
N LYS A 206 -24.46 0.78 31.89
CA LYS A 206 -25.42 1.47 31.01
C LYS A 206 -25.66 0.73 29.70
N ALA A 207 -24.62 0.19 29.11
CA ALA A 207 -24.78 -0.64 27.94
C ALA A 207 -25.63 -1.91 28.25
N TRP A 208 -25.28 -2.61 29.32
CA TRP A 208 -25.98 -3.83 29.65
C TRP A 208 -27.44 -3.46 29.95
N GLY A 209 -27.67 -2.38 30.66
CA GLY A 209 -29.02 -1.99 31.07
C GLY A 209 -29.89 -1.53 29.91
N SER A 210 -29.26 -1.04 28.86
CA SER A 210 -29.96 -0.60 27.64
C SER A 210 -30.61 -1.68 26.76
N LYS A 211 -30.27 -2.93 27.02
CA LYS A 211 -30.75 -4.03 26.21
C LYS A 211 -32.00 -4.60 26.92
N LYS A 212 -33.04 -5.04 26.18
CA LYS A 212 -34.10 -5.83 26.80
C LYS A 212 -33.59 -7.20 27.34
N ASP A 213 -32.85 -7.95 26.51
CA ASP A 213 -32.26 -9.23 26.91
C ASP A 213 -30.78 -9.16 26.52
N PRO A 214 -29.94 -8.63 27.40
CA PRO A 214 -28.50 -8.46 27.09
C PRO A 214 -27.78 -9.78 26.90
N MET A 215 -26.82 -9.77 25.99
CA MET A 215 -25.86 -10.80 25.87
C MET A 215 -24.48 -10.13 25.63
N GLY A 216 -23.44 -10.65 26.22
CA GLY A 216 -22.11 -10.12 26.01
C GLY A 216 -21.14 -11.19 25.72
N PHE A 217 -20.04 -10.80 25.07
CA PHE A 217 -18.95 -11.69 24.92
C PHE A 217 -17.64 -10.92 24.81
N SER A 218 -16.56 -11.57 25.24
CA SER A 218 -15.19 -11.04 25.02
C SER A 218 -14.57 -11.82 23.87
N TYR A 219 -13.76 -11.19 22.98
CA TYR A 219 -13.15 -11.93 21.91
C TYR A 219 -11.65 -11.91 22.15
N ASP A 220 -11.03 -13.10 22.25
CA ASP A 220 -9.60 -13.27 22.54
C ASP A 220 -8.91 -13.59 21.23
N THR A 221 -8.22 -12.61 20.65
CA THR A 221 -7.46 -12.86 19.44
C THR A 221 -6.19 -13.62 19.82
N ARG A 222 -5.89 -14.70 19.13
CA ARG A 222 -4.60 -15.35 19.32
C ARG A 222 -3.41 -14.49 18.83
N CYS A 223 -2.56 -14.07 19.75
CA CYS A 223 -1.31 -13.29 19.52
C CYS A 223 -1.61 -12.14 18.57
N PHE A 224 -2.43 -11.21 19.05
CA PHE A 224 -2.97 -10.16 18.19
C PHE A 224 -1.85 -9.44 17.36
N ASP A 225 -0.72 -9.10 18.00
CA ASP A 225 0.38 -8.36 17.31
C ASP A 225 0.92 -9.13 16.09
N SER A 226 1.01 -10.43 16.23
CA SER A 226 1.36 -11.31 15.08
C SER A 226 0.35 -11.36 13.97
N THR A 227 -0.91 -11.08 14.26
CA THR A 227 -1.90 -11.18 13.25
C THR A 227 -2.06 -9.92 12.44
N VAL A 228 -1.52 -8.81 12.93
CA VAL A 228 -1.50 -7.52 12.18
C VAL A 228 -0.59 -7.64 10.97
N THR A 229 -1.18 -7.40 9.81
CA THR A 229 -0.45 -7.51 8.53
C THR A 229 0.19 -6.22 8.15
N GLU A 230 1.05 -6.33 7.16
CA GLU A 230 1.66 -5.15 6.58
C GLU A 230 0.60 -4.23 6.00
N ARG A 231 -0.40 -4.75 5.32
CA ARG A 231 -1.50 -3.94 4.90
C ARG A 231 -2.25 -3.25 6.02
N ASP A 232 -2.43 -3.92 7.14
CA ASP A 232 -3.15 -3.33 8.28
C ASP A 232 -2.34 -2.07 8.75
N ILE A 233 -1.03 -2.22 8.82
CA ILE A 233 -0.15 -1.15 9.35
C ILE A 233 -0.14 0.09 8.40
N ARG A 234 -0.11 -0.19 7.10
CA ARG A 234 -0.23 0.85 6.08
C ARG A 234 -1.60 1.48 6.07
N THR A 235 -2.63 0.70 6.42
CA THR A 235 -3.94 1.30 6.63
C THR A 235 -4.04 2.21 7.83
N GLU A 236 -3.43 1.82 8.93
CA GLU A 236 -3.25 2.74 10.05
C GLU A 236 -2.61 4.05 9.64
N GLU A 237 -1.56 3.96 8.86
CA GLU A 237 -0.92 5.15 8.31
C GLU A 237 -1.88 6.02 7.55
N SER A 238 -2.70 5.41 6.71
CA SER A 238 -3.64 6.16 5.89
C SER A 238 -4.69 6.88 6.79
N ILE A 239 -4.99 6.30 7.98
CA ILE A 239 -5.86 6.93 8.94
C ILE A 239 -5.15 8.11 9.59
N TYR A 240 -3.90 7.93 10.04
CA TYR A 240 -3.14 9.10 10.55
C TYR A 240 -3.03 10.22 9.47
N GLN A 241 -2.87 9.88 8.20
CA GLN A 241 -2.74 10.91 7.11
C GLN A 241 -4.08 11.60 6.75
N ALA A 242 -5.20 10.98 7.13
CA ALA A 242 -6.49 11.62 6.93
C ALA A 242 -6.68 12.85 7.88
N CYS A 243 -5.94 12.90 8.99
CA CYS A 243 -5.92 14.05 9.86
C CYS A 243 -5.30 15.26 9.18
N SER A 244 -5.58 16.45 9.68
CA SER A 244 -4.86 17.64 9.22
C SER A 244 -3.52 17.77 10.01
N LEU A 245 -2.42 17.60 9.27
CA LEU A 245 -1.06 17.56 9.84
C LEU A 245 -0.10 18.51 9.07
N PRO A 246 0.93 19.04 9.72
CA PRO A 246 2.00 19.69 9.01
C PRO A 246 2.68 18.72 8.08
N GLN A 247 3.09 19.21 6.92
CA GLN A 247 3.91 18.41 5.99
C GLN A 247 5.09 17.67 6.63
N GLU A 248 5.85 18.32 7.52
CA GLU A 248 6.95 17.64 8.18
C GLU A 248 6.51 16.37 8.97
N ALA A 249 5.37 16.51 9.64
CA ALA A 249 4.76 15.34 10.35
C ALA A 249 4.40 14.28 9.36
N ARG A 250 3.81 14.66 8.22
CA ARG A 250 3.39 13.66 7.21
C ARG A 250 4.52 12.82 6.73
N THR A 251 5.63 13.51 6.47
CA THR A 251 6.79 12.86 5.98
C THR A 251 7.36 11.85 7.00
N VAL A 252 7.52 12.29 8.22
CA VAL A 252 8.12 11.43 9.24
C VAL A 252 7.20 10.27 9.56
N ILE A 253 5.88 10.46 9.53
CA ILE A 253 4.95 9.36 9.80
C ILE A 253 5.06 8.30 8.76
N HIS A 254 5.22 8.73 7.51
CA HIS A 254 5.39 7.84 6.39
C HIS A 254 6.67 7.09 6.50
N SER A 255 7.72 7.78 6.91
CA SER A 255 9.00 7.15 7.11
C SER A 255 8.98 6.14 8.27
N LEU A 256 8.42 6.51 9.41
CA LEU A 256 8.35 5.57 10.52
C LEU A 256 7.50 4.36 10.09
N THR A 257 6.47 4.60 9.28
CA THR A 257 5.64 3.48 8.86
C THR A 257 6.43 2.47 8.04
N GLU A 258 7.14 2.99 7.04
CA GLU A 258 7.83 2.16 6.08
C GLU A 258 9.11 1.56 6.64
N ARG A 259 9.77 2.27 7.55
CA ARG A 259 11.03 1.79 8.06
C ARG A 259 10.97 0.96 9.36
N LEU A 260 9.90 1.16 10.11
CA LEU A 260 9.79 0.66 11.47
C LEU A 260 8.49 -0.05 11.66
N TYR A 261 7.37 0.61 11.49
CA TYR A 261 6.09 -0.05 11.84
C TYR A 261 5.74 -1.32 11.07
N VAL A 262 5.97 -1.31 9.76
CA VAL A 262 5.49 -2.37 8.92
C VAL A 262 6.43 -3.63 9.05
N GLY A 263 7.60 -3.46 9.63
CA GLY A 263 8.53 -4.56 9.88
C GLY A 263 9.96 -4.08 9.81
N GLY A 264 10.87 -5.06 9.96
CA GLY A 264 12.31 -4.79 9.93
C GLY A 264 13.12 -5.85 10.63
N PRO A 265 14.42 -5.66 10.59
CA PRO A 265 15.35 -6.64 11.19
C PRO A 265 15.36 -6.53 12.71
N MET A 266 15.56 -7.67 13.38
CA MET A 266 15.68 -7.76 14.81
C MET A 266 17.04 -8.31 15.18
N THR A 267 17.62 -7.69 16.19
CA THR A 267 18.92 -8.08 16.75
C THR A 267 18.71 -8.50 18.17
N ASN A 268 19.39 -9.56 18.63
CA ASN A 268 19.40 -9.90 20.05
C ASN A 268 20.31 -9.02 20.93
N SER A 269 20.33 -9.27 22.25
CA SER A 269 21.06 -8.40 23.11
C SER A 269 22.59 -8.48 22.90
N LYS A 270 23.08 -9.54 22.27
CA LYS A 270 24.53 -9.68 22.02
C LYS A 270 24.93 -9.07 20.66
N GLY A 271 24.01 -8.39 19.99
CA GLY A 271 24.25 -7.82 18.68
C GLY A 271 24.20 -8.79 17.50
N GLN A 272 23.65 -9.98 17.67
CA GLN A 272 23.50 -10.91 16.56
C GLN A 272 22.15 -10.73 15.85
N SER A 273 22.12 -10.88 14.54
CA SER A 273 20.91 -10.83 13.77
C SER A 273 20.09 -12.06 14.19
N CYS A 274 18.87 -11.80 14.62
CA CYS A 274 18.01 -12.80 15.22
C CYS A 274 16.83 -13.11 14.27
N GLY A 275 16.37 -12.13 13.49
CA GLY A 275 15.23 -12.36 12.64
C GLY A 275 14.72 -11.10 11.90
N TYR A 276 13.59 -11.27 11.24
CA TYR A 276 12.90 -10.25 10.50
C TYR A 276 11.39 -10.31 10.81
N ARG A 277 10.89 -9.14 11.18
CA ARG A 277 9.48 -8.93 11.53
C ARG A 277 8.65 -8.37 10.37
N ARG A 278 7.42 -8.89 10.19
CA ARG A 278 6.43 -8.39 9.25
C ARG A 278 5.02 -8.21 9.87
N CYS A 279 5.01 -7.86 11.12
CA CYS A 279 3.84 -7.73 11.95
C CYS A 279 4.06 -6.54 12.91
N ARG A 280 3.08 -6.26 13.75
CA ARG A 280 3.25 -5.25 14.79
C ARG A 280 4.39 -5.42 15.74
N ALA A 281 5.18 -4.37 15.95
CA ALA A 281 6.17 -4.35 16.98
C ALA A 281 5.52 -3.99 18.31
N SER A 282 5.81 -4.76 19.37
CA SER A 282 5.16 -4.52 20.66
C SER A 282 5.78 -3.36 21.43
N GLY A 283 6.94 -2.88 21.06
CA GLY A 283 7.58 -1.81 21.82
C GLY A 283 7.71 -0.50 21.03
N VAL A 284 6.74 -0.19 20.17
CA VAL A 284 6.76 1.07 19.47
C VAL A 284 5.67 1.96 20.05
N PHE A 285 5.85 3.27 19.90
CA PHE A 285 4.94 4.20 20.46
C PHE A 285 3.52 3.82 20.04
N THR A 286 3.27 3.55 18.77
CA THR A 286 1.90 3.33 18.24
C THR A 286 1.27 1.99 18.45
N THR A 287 1.93 1.10 19.15
CA THR A 287 1.35 -0.20 19.40
C THR A 287 -0.04 -0.17 19.99
N SER A 288 -0.27 0.56 21.09
CA SER A 288 -1.60 0.62 21.67
C SER A 288 -2.67 1.33 20.78
N MET A 289 -2.34 2.48 20.21
CA MET A 289 -3.29 3.21 19.37
C MET A 289 -3.60 2.36 18.18
N GLY A 290 -2.57 1.82 17.55
CA GLY A 290 -2.74 1.00 16.36
C GLY A 290 -3.56 -0.26 16.57
N ASN A 291 -3.27 -1.00 17.64
CA ASN A 291 -4.06 -2.18 17.95
C ASN A 291 -5.50 -1.83 18.25
N THR A 292 -5.73 -0.71 18.91
CA THR A 292 -7.09 -0.32 19.31
C THR A 292 -7.85 -0.02 18.02
N MET A 293 -7.27 0.75 17.13
CA MET A 293 -7.91 1.07 15.84
C MET A 293 -8.15 -0.11 14.96
N THR A 294 -7.20 -1.03 14.88
CA THR A 294 -7.34 -2.16 13.99
C THR A 294 -8.35 -3.19 14.49
N CYS A 295 -8.35 -3.35 15.80
CA CYS A 295 -9.35 -4.18 16.49
C CYS A 295 -10.76 -3.68 16.31
N TYR A 296 -10.95 -2.37 16.47
CA TYR A 296 -12.21 -1.73 16.34
C TYR A 296 -12.78 -1.93 14.96
N ILE A 297 -11.93 -1.69 13.97
CA ILE A 297 -12.38 -1.76 12.59
C ILE A 297 -12.78 -3.20 12.27
N LYS A 298 -11.92 -4.17 12.57
CA LYS A 298 -12.18 -5.55 12.30
C LYS A 298 -13.44 -6.07 13.02
N ALA A 299 -13.55 -5.67 14.29
CA ALA A 299 -14.65 -6.09 15.18
C ALA A 299 -15.99 -5.53 14.70
N LEU A 300 -16.03 -4.25 14.37
CA LEU A 300 -17.26 -3.65 13.94
C LEU A 300 -17.72 -4.23 12.61
N ALA A 301 -16.77 -4.46 11.74
CA ALA A 301 -17.08 -5.13 10.47
C ALA A 301 -17.58 -6.59 10.71
N ALA A 302 -16.99 -7.32 11.66
CA ALA A 302 -17.35 -8.65 11.92
C ALA A 302 -18.73 -8.72 12.54
N CYS A 303 -19.10 -7.75 13.41
CA CYS A 303 -20.46 -7.69 13.96
C CYS A 303 -21.47 -7.60 12.82
N LYS A 304 -21.18 -6.73 11.86
CA LYS A 304 -22.08 -6.57 10.72
C LYS A 304 -22.10 -7.83 9.87
N ALA A 305 -20.97 -8.49 9.67
CA ALA A 305 -20.99 -9.76 8.92
C ALA A 305 -21.85 -10.82 9.59
N ALA A 306 -21.84 -10.82 10.92
CA ALA A 306 -22.37 -11.93 11.71
C ALA A 306 -23.84 -11.76 12.08
N GLY A 307 -24.41 -10.59 11.81
CA GLY A 307 -25.76 -10.24 12.23
C GLY A 307 -25.91 -9.93 13.74
N ILE A 308 -24.86 -9.43 14.41
CA ILE A 308 -24.97 -9.07 15.83
C ILE A 308 -25.82 -7.81 15.86
N VAL A 309 -26.81 -7.83 16.73
CA VAL A 309 -27.90 -6.85 16.77
C VAL A 309 -27.61 -5.75 17.83
N ASP A 310 -27.34 -4.55 17.32
CA ASP A 310 -27.22 -3.30 18.04
C ASP A 310 -25.93 -3.31 18.93
N PRO A 311 -24.78 -3.63 18.36
CA PRO A 311 -23.61 -3.89 19.21
C PRO A 311 -23.13 -2.63 19.91
N VAL A 312 -22.72 -2.79 21.17
CA VAL A 312 -22.04 -1.77 21.88
C VAL A 312 -20.66 -2.42 22.18
N MET A 313 -19.57 -1.82 21.68
CA MET A 313 -18.23 -2.34 21.86
C MET A 313 -17.37 -1.47 22.75
N LEU A 314 -16.49 -2.14 23.49
CA LEU A 314 -15.49 -1.51 24.30
C LEU A 314 -14.18 -2.17 23.88
N VAL A 315 -13.32 -1.35 23.27
CA VAL A 315 -12.06 -1.79 22.70
C VAL A 315 -10.90 -1.15 23.46
N CYS A 316 -10.00 -1.94 24.01
CA CYS A 316 -8.76 -1.44 24.66
C CYS A 316 -7.59 -2.19 24.09
N GLY A 317 -6.97 -1.63 23.05
CA GLY A 317 -5.92 -2.35 22.35
C GLY A 317 -6.45 -3.64 21.72
N ASP A 318 -5.86 -4.77 22.06
CA ASP A 318 -6.36 -6.04 21.52
C ASP A 318 -7.57 -6.63 22.26
N ASP A 319 -7.98 -6.01 23.36
CA ASP A 319 -9.09 -6.57 24.18
C ASP A 319 -10.44 -6.04 23.68
N LEU A 320 -11.39 -6.91 23.44
CA LEU A 320 -12.66 -6.49 22.93
C LEU A 320 -13.79 -7.13 23.74
N VAL A 321 -14.77 -6.32 24.06
CA VAL A 321 -16.04 -6.80 24.57
C VAL A 321 -17.15 -6.20 23.75
N VAL A 322 -18.15 -7.02 23.51
CA VAL A 322 -19.36 -6.62 22.75
C VAL A 322 -20.61 -7.04 23.52
N ILE A 323 -21.48 -6.07 23.72
CA ILE A 323 -22.77 -6.32 24.38
C ILE A 323 -23.79 -6.01 23.31
N SER A 324 -24.79 -6.87 23.21
CA SER A 324 -25.82 -6.73 22.20
C SER A 324 -27.14 -7.41 22.67
N GLU A 325 -28.15 -7.35 21.80
CA GLU A 325 -29.46 -7.97 22.07
C GLU A 325 -29.44 -9.46 21.81
N SER A 326 -29.85 -10.28 22.77
CA SER A 326 -29.76 -11.73 22.59
C SER A 326 -30.78 -12.01 21.54
N GLN A 327 -30.51 -12.98 20.69
CA GLN A 327 -31.43 -13.38 19.63
C GLN A 327 -31.97 -14.80 19.90
N GLY A 328 -31.83 -15.27 21.14
CA GLY A 328 -32.03 -16.66 21.53
C GLY A 328 -30.73 -17.45 21.73
N ASN A 329 -30.79 -18.43 22.62
CA ASN A 329 -29.64 -19.23 22.99
C ASN A 329 -28.90 -19.84 21.79
N GLU A 330 -29.59 -20.55 20.92
CA GLU A 330 -28.91 -21.16 19.77
C GLU A 330 -28.44 -20.13 18.70
N GLU A 331 -29.28 -19.18 18.41
CA GLU A 331 -28.91 -18.16 17.45
C GLU A 331 -27.70 -17.31 17.96
N ASP A 332 -27.59 -17.01 19.27
CA ASP A 332 -26.35 -16.31 19.81
C ASP A 332 -25.13 -17.12 19.56
N GLU A 333 -25.23 -18.43 19.80
CA GLU A 333 -24.13 -19.34 19.54
C GLU A 333 -23.67 -19.32 18.05
N ARG A 334 -24.63 -19.41 17.15
CA ARG A 334 -24.42 -19.30 15.70
C ARG A 334 -23.83 -17.96 15.29
N ASN A 335 -24.39 -16.88 15.79
CA ASN A 335 -23.93 -15.54 15.46
C ASN A 335 -22.48 -15.35 15.93
N LEU A 336 -22.07 -15.93 17.08
CA LEU A 336 -20.70 -15.74 17.55
C LEU A 336 -19.78 -16.56 16.75
N ARG A 337 -20.21 -17.76 16.35
CA ARG A 337 -19.42 -18.51 15.38
C ARG A 337 -19.20 -17.69 14.07
N ALA A 338 -20.22 -16.98 13.59
CA ALA A 338 -20.17 -16.20 12.37
C ALA A 338 -19.21 -15.00 12.52
N PHE A 339 -19.21 -14.44 13.73
CA PHE A 339 -18.37 -13.31 14.08
C PHE A 339 -16.92 -13.80 14.09
N THR A 340 -16.73 -14.98 14.62
CA THR A 340 -15.43 -15.61 14.61
C THR A 340 -14.90 -15.93 13.24
N GLU A 341 -15.78 -16.43 12.36
CA GLU A 341 -15.32 -16.68 10.98
C GLU A 341 -14.86 -15.35 10.28
N ALA A 342 -15.61 -14.28 10.45
CA ALA A 342 -15.24 -12.99 9.85
C ALA A 342 -13.94 -12.45 10.40
N MET A 343 -13.80 -12.44 11.72
CA MET A 343 -12.54 -12.02 12.32
C MET A 343 -11.43 -12.80 11.79
N THR A 344 -11.65 -14.12 11.62
CA THR A 344 -10.60 -15.00 11.12
C THR A 344 -10.22 -14.61 9.65
N ARG A 345 -11.20 -14.35 8.80
CA ARG A 345 -10.94 -13.78 7.45
C ARG A 345 -10.13 -12.48 7.46
N TYR A 346 -10.43 -11.60 8.39
CA TYR A 346 -9.69 -10.35 8.54
C TYR A 346 -8.32 -10.48 9.18
N SER A 347 -7.88 -11.70 9.50
CA SER A 347 -6.64 -11.99 10.12
C SER A 347 -6.69 -11.58 11.59
N ALA A 348 -7.66 -12.12 12.33
CA ALA A 348 -7.69 -11.92 13.79
C ALA A 348 -8.33 -13.24 14.31
N PRO A 349 -7.68 -14.36 14.06
CA PRO A 349 -8.19 -15.67 14.48
C PRO A 349 -8.27 -15.79 16.05
N PRO A 350 -9.15 -16.64 16.60
CA PRO A 350 -9.34 -16.71 18.05
C PRO A 350 -8.30 -17.55 18.77
N GLY A 351 -8.06 -17.21 20.01
CA GLY A 351 -7.45 -18.12 20.99
C GLY A 351 -8.57 -18.92 21.67
N ASP A 352 -8.98 -18.55 22.87
CA ASP A 352 -10.26 -19.06 23.42
C ASP A 352 -11.41 -18.71 22.50
N LEU A 353 -12.32 -19.65 22.23
CA LEU A 353 -13.54 -19.31 21.47
C LEU A 353 -14.42 -18.44 22.31
N PRO A 354 -15.06 -17.48 21.69
CA PRO A 354 -16.00 -16.64 22.41
C PRO A 354 -17.26 -17.45 22.80
N ARG A 355 -17.85 -17.12 23.93
CA ARG A 355 -19.12 -17.73 24.34
C ARG A 355 -20.03 -16.66 24.89
N PRO A 356 -21.32 -16.79 24.61
CA PRO A 356 -22.33 -15.84 25.06
C PRO A 356 -22.43 -15.90 26.60
N GLU A 357 -22.45 -14.73 27.26
CA GLU A 357 -22.58 -14.56 28.68
C GLU A 357 -23.80 -13.69 28.92
N TYR A 358 -24.59 -14.07 29.94
CA TYR A 358 -25.88 -13.42 30.22
C TYR A 358 -25.92 -12.89 31.62
N ASP A 359 -24.76 -12.83 32.26
CA ASP A 359 -24.61 -12.13 33.54
C ASP A 359 -23.38 -11.21 33.45
N LEU A 360 -23.64 -9.92 33.69
CA LEU A 360 -22.59 -8.91 33.54
C LEU A 360 -21.33 -9.14 34.38
N GLU A 361 -21.46 -9.65 35.60
CA GLU A 361 -20.33 -9.94 36.48
C GLU A 361 -19.36 -10.94 35.92
N LEU A 362 -19.82 -11.77 35.00
CA LEU A 362 -19.03 -12.80 34.41
C LEU A 362 -18.30 -12.39 33.12
N ILE A 363 -18.52 -11.17 32.67
CA ILE A 363 -17.88 -10.61 31.47
C ILE A 363 -16.56 -9.94 31.88
N THR A 364 -15.49 -10.43 31.29
CA THR A 364 -14.13 -9.86 31.52
C THR A 364 -13.64 -8.96 30.39
N SER A 365 -13.35 -7.70 30.72
CA SER A 365 -12.72 -6.69 29.83
C SER A 365 -11.36 -6.31 30.46
N CYS A 366 -10.28 -6.45 29.71
CA CYS A 366 -8.92 -6.19 30.21
C CYS A 366 -8.63 -6.89 31.53
N SER A 367 -9.07 -8.14 31.64
CA SER A 367 -8.85 -8.95 32.85
C SER A 367 -9.72 -8.46 34.02
N SER A 368 -10.65 -7.52 33.78
CA SER A 368 -11.46 -6.90 34.86
C SER A 368 -12.94 -7.21 34.64
N ASN A 369 -13.71 -7.15 35.72
CA ASN A 369 -15.17 -7.30 35.65
C ASN A 369 -15.87 -6.35 36.60
N VAL A 370 -17.13 -6.16 36.39
CA VAL A 370 -17.92 -5.32 37.25
C VAL A 370 -18.54 -6.15 38.36
N SER A 371 -18.49 -5.62 39.54
CA SER A 371 -19.16 -6.26 40.71
C SER A 371 -19.90 -5.23 41.54
N VAL A 372 -20.70 -5.68 42.50
CA VAL A 372 -21.53 -4.81 43.30
C VAL A 372 -21.36 -5.07 44.80
N ALA A 373 -21.59 -4.05 45.59
CA ALA A 373 -21.55 -4.07 47.08
C ALA A 373 -22.42 -2.95 47.64
N LEU A 374 -22.49 -2.82 48.96
CA LEU A 374 -23.21 -1.73 49.58
C LEU A 374 -22.24 -0.73 50.22
N ASP A 375 -22.59 0.56 50.18
CA ASP A 375 -21.85 1.53 50.93
C ASP A 375 -22.45 1.76 52.34
N SER A 376 -21.94 2.73 53.07
CA SER A 376 -22.35 2.91 54.48
C SER A 376 -23.81 3.41 54.61
N ARG A 377 -24.40 3.96 53.57
CA ARG A 377 -25.79 4.40 53.58
C ARG A 377 -26.67 3.28 53.06
N GLY A 378 -26.11 2.11 52.80
CA GLY A 378 -26.92 1.00 52.34
C GLY A 378 -27.29 1.06 50.85
N ARG A 379 -26.65 1.91 50.05
CA ARG A 379 -26.94 1.98 48.59
C ARG A 379 -26.06 0.98 47.84
N ARG A 380 -26.61 0.35 46.80
CA ARG A 380 -25.81 -0.47 45.88
C ARG A 380 -24.80 0.42 45.13
N ARG A 381 -23.55 0.00 45.22
CA ARG A 381 -22.48 0.54 44.42
C ARG A 381 -21.73 -0.51 43.57
N TYR A 382 -21.39 -0.13 42.33
CA TYR A 382 -20.78 -1.03 41.37
C TYR A 382 -19.34 -0.57 41.26
N PHE A 383 -18.45 -1.50 41.05
CA PHE A 383 -17.04 -1.24 40.98
C PHE A 383 -16.34 -2.26 40.10
N LEU A 384 -15.13 -1.91 39.66
CA LEU A 384 -14.31 -2.78 38.88
C LEU A 384 -13.41 -3.62 39.80
N THR A 385 -13.29 -4.90 39.47
CA THR A 385 -12.45 -5.84 40.21
C THR A 385 -11.82 -6.83 39.24
N ARG A 386 -10.97 -7.73 39.73
CA ARG A 386 -10.36 -8.74 38.92
C ARG A 386 -9.92 -9.87 39.80
N ASP A 387 -9.42 -10.92 39.17
CA ASP A 387 -8.84 -12.03 39.99
C ASP A 387 -7.55 -11.54 40.67
N PRO A 388 -7.42 -11.69 41.98
CA PRO A 388 -6.30 -11.09 42.71
C PRO A 388 -5.00 -11.90 42.72
N THR A 389 -4.98 -13.10 42.09
CA THR A 389 -3.78 -13.93 42.08
C THR A 389 -2.54 -13.24 41.61
N THR A 390 -2.56 -12.73 40.38
CA THR A 390 -1.41 -12.13 39.82
C THR A 390 -1.02 -10.85 40.57
N PRO A 391 -1.95 -9.94 40.90
CA PRO A 391 -1.56 -8.81 41.76
C PRO A 391 -0.88 -9.24 43.13
N ILE A 392 -1.40 -10.23 43.84
CA ILE A 392 -0.79 -10.58 45.11
C ILE A 392 0.56 -11.24 44.84
N THR A 393 0.70 -12.05 43.79
CA THR A 393 2.00 -12.66 43.51
C THR A 393 3.09 -11.62 43.20
N ARG A 394 2.72 -10.66 42.38
CA ARG A 394 3.64 -9.56 42.04
C ARG A 394 3.94 -8.69 43.24
N ALA A 395 2.97 -8.54 44.14
CA ALA A 395 3.19 -7.74 45.34
C ALA A 395 4.24 -8.45 46.19
N ALA A 396 4.15 -9.76 46.29
CA ALA A 396 5.13 -10.52 47.09
C ALA A 396 6.55 -10.43 46.47
N TRP A 397 6.65 -10.55 45.15
CA TRP A 397 7.94 -10.46 44.49
C TRP A 397 8.54 -9.08 44.70
N GLU A 398 7.76 -8.03 44.48
CA GLU A 398 8.24 -6.65 44.61
C GLU A 398 8.56 -6.22 46.02
N THR A 399 8.08 -6.95 47.00
CA THR A 399 8.42 -6.70 48.39
C THR A 399 9.88 -7.02 48.62
N VAL A 400 10.36 -8.05 47.96
CA VAL A 400 11.73 -8.47 48.15
C VAL A 400 12.65 -8.01 47.03
N ARG A 401 12.15 -7.82 45.81
CA ARG A 401 12.95 -7.32 44.73
C ARG A 401 12.28 -6.02 44.19
N HIS A 402 12.77 -4.86 44.61
CA HIS A 402 12.12 -3.60 44.21
C HIS A 402 12.31 -3.38 42.74
N SER A 403 11.25 -2.91 42.11
CA SER A 403 11.19 -2.69 40.70
C SER A 403 11.08 -1.15 40.53
N PRO A 404 11.72 -0.58 39.52
CA PRO A 404 11.60 0.88 39.30
C PRO A 404 10.14 1.31 39.09
N VAL A 405 9.29 0.37 38.68
CA VAL A 405 7.87 0.61 38.56
C VAL A 405 7.07 -0.40 39.41
N ASN A 406 6.22 0.09 40.34
CA ASN A 406 5.57 -0.66 41.47
C ASN A 406 4.12 -1.16 41.15
N SER A 407 3.94 -2.42 40.70
CA SER A 407 2.60 -2.83 40.23
C SER A 407 1.59 -2.75 41.34
N TRP A 408 2.02 -2.84 42.60
CA TRP A 408 1.10 -2.86 43.68
C TRP A 408 0.44 -1.49 43.84
N LEU A 409 1.17 -0.41 43.46
CA LEU A 409 0.60 0.93 43.61
C LEU A 409 -0.53 1.16 42.54
N GLY A 410 -0.28 0.67 41.34
CA GLY A 410 -1.22 0.73 40.27
C GLY A 410 -2.48 -0.04 40.63
N ASN A 411 -2.29 -1.19 41.30
CA ASN A 411 -3.44 -1.98 41.74
C ASN A 411 -4.24 -1.29 42.79
N ILE A 412 -3.59 -0.62 43.75
CA ILE A 412 -4.29 0.11 44.77
C ILE A 412 -5.17 1.18 44.09
N ILE A 413 -4.62 1.87 43.15
CA ILE A 413 -5.32 3.00 42.54
C ILE A 413 -6.48 2.51 41.64
N GLN A 414 -6.29 1.50 40.81
CA GLN A 414 -7.36 1.04 39.91
C GLN A 414 -8.41 0.25 40.66
N TYR A 415 -8.00 -0.47 41.72
CA TYR A 415 -8.88 -1.51 42.36
C TYR A 415 -9.16 -1.19 43.82
N ALA A 416 -9.07 0.09 44.20
CA ALA A 416 -9.18 0.56 45.58
C ALA A 416 -10.44 0.08 46.31
N PRO A 417 -11.61 0.03 45.64
CA PRO A 417 -12.82 -0.36 46.33
C PRO A 417 -12.94 -1.86 46.60
N THR A 418 -12.08 -2.68 46.08
CA THR A 418 -12.14 -4.12 46.29
C THR A 418 -11.67 -4.54 47.63
N ILE A 419 -12.16 -5.72 48.03
CA ILE A 419 -11.87 -6.24 49.35
C ILE A 419 -10.45 -6.64 49.41
N TRP A 420 -9.88 -7.10 48.30
CA TRP A 420 -8.54 -7.67 48.36
C TRP A 420 -7.50 -6.52 48.37
N VAL A 421 -7.79 -5.41 47.68
CA VAL A 421 -6.91 -4.24 47.82
C VAL A 421 -6.94 -3.61 49.24
N ARG A 422 -8.16 -3.48 49.80
CA ARG A 422 -8.40 -2.78 51.06
C ARG A 422 -7.79 -3.63 52.17
N MET A 423 -8.03 -4.93 52.14
CA MET A 423 -7.65 -5.74 53.30
C MET A 423 -6.27 -6.28 53.20
N VAL A 424 -5.82 -6.64 52.00
CA VAL A 424 -4.51 -7.30 51.87
C VAL A 424 -3.43 -6.34 51.37
N ILE A 425 -3.60 -5.79 50.17
CA ILE A 425 -2.51 -5.00 49.58
C ILE A 425 -2.18 -3.73 50.38
N MET A 426 -3.18 -2.94 50.71
CA MET A 426 -3.00 -1.68 51.49
C MET A 426 -2.40 -2.04 52.84
N THR A 427 -2.92 -3.06 53.53
CA THR A 427 -2.34 -3.39 54.83
C THR A 427 -0.88 -3.74 54.73
N HIS A 428 -0.55 -4.60 53.78
CA HIS A 428 0.84 -5.07 53.61
C HIS A 428 1.79 -3.92 53.28
N PHE A 429 1.42 -3.08 52.31
CA PHE A 429 2.30 -1.97 51.90
C PHE A 429 2.36 -0.72 52.77
N PHE A 430 1.25 -0.39 53.43
CA PHE A 430 1.32 0.65 54.45
C PHE A 430 2.20 0.23 55.62
N SER A 431 2.20 -1.04 55.99
CA SER A 431 3.12 -1.52 57.04
C SER A 431 4.56 -1.35 56.63
N ILE A 432 4.87 -1.72 55.39
CA ILE A 432 6.23 -1.57 54.85
C ILE A 432 6.73 -0.14 54.78
N LEU A 433 5.88 0.73 54.29
CA LEU A 433 6.19 2.17 54.22
C LEU A 433 6.45 2.77 55.60
N LEU A 434 5.64 2.44 56.56
CA LEU A 434 5.87 2.85 57.94
C LEU A 434 7.21 2.38 58.51
N ALA A 435 7.56 1.13 58.24
CA ALA A 435 8.82 0.49 58.67
C ALA A 435 9.99 1.21 58.02
N GLN A 436 9.89 1.51 56.74
CA GLN A 436 10.98 2.19 56.06
C GLN A 436 11.03 3.68 56.31
N ASP A 437 9.97 4.23 56.88
CA ASP A 437 9.78 5.69 57.04
C ASP A 437 9.82 6.43 55.67
N THR A 438 9.20 5.82 54.66
CA THR A 438 9.21 6.39 53.33
C THR A 438 7.77 6.68 52.86
N LEU A 439 6.85 6.91 53.79
CA LEU A 439 5.46 7.24 53.43
C LEU A 439 5.43 8.43 52.46
N ASN A 440 6.28 9.42 52.68
CA ASN A 440 6.25 10.66 51.95
C ASN A 440 7.30 10.67 50.87
N GLN A 441 7.28 9.70 49.98
CA GLN A 441 8.30 9.59 48.91
C GLN A 441 7.52 9.20 47.71
N ASN A 442 7.72 9.92 46.62
CA ASN A 442 7.07 9.57 45.33
C ASN A 442 7.54 8.25 44.79
N LEU A 443 6.61 7.48 44.26
CA LEU A 443 6.90 6.22 43.63
C LEU A 443 6.31 6.20 42.23
N ASN A 444 6.97 5.55 41.30
CA ASN A 444 6.45 5.34 39.95
C ASN A 444 5.60 4.06 39.84
N PHE A 445 4.54 4.12 39.05
CA PHE A 445 3.67 2.96 38.77
C PHE A 445 3.14 3.05 37.32
N GLU A 446 2.69 1.94 36.77
CA GLU A 446 2.08 1.82 35.42
C GLU A 446 0.52 1.89 35.46
N MET A 447 -0.10 2.77 34.69
CA MET A 447 -1.56 2.79 34.49
C MET A 447 -1.87 2.90 32.97
N TYR A 448 -2.65 1.97 32.41
CA TYR A 448 -3.09 2.05 31.02
C TYR A 448 -1.88 2.38 30.12
N GLY A 449 -0.87 1.55 30.15
CA GLY A 449 0.25 1.69 29.22
C GLY A 449 1.14 2.94 29.37
N ALA A 450 1.14 3.58 30.55
CA ALA A 450 1.99 4.72 30.81
C ALA A 450 2.48 4.71 32.29
N VAL A 451 3.51 5.47 32.59
CA VAL A 451 4.09 5.48 33.92
C VAL A 451 3.77 6.78 34.54
N TYR A 452 3.34 6.77 35.82
CA TYR A 452 3.03 7.94 36.58
C TYR A 452 3.80 7.92 37.93
N SER A 453 3.75 9.03 38.65
CA SER A 453 4.38 9.22 39.97
C SER A 453 3.32 9.69 40.94
N VAL A 454 3.25 9.00 42.09
CA VAL A 454 2.34 9.33 43.16
C VAL A 454 3.02 9.22 44.52
N ASN A 455 2.58 10.06 45.42
CA ASN A 455 3.02 10.07 46.83
C ASN A 455 1.95 9.26 47.60
N PRO A 456 2.32 8.16 48.27
CA PRO A 456 1.34 7.35 49.01
C PRO A 456 0.43 8.10 49.94
N LEU A 457 0.93 9.20 50.54
CA LEU A 457 0.16 10.04 51.43
C LEU A 457 -1.04 10.76 50.73
N ASP A 458 -0.97 10.88 49.38
CA ASP A 458 -2.10 11.46 48.62
C ASP A 458 -3.12 10.37 48.18
N LEU A 459 -2.92 9.11 48.57
CA LEU A 459 -3.84 8.09 48.16
C LEU A 459 -5.27 8.33 48.56
N PRO A 460 -5.59 8.77 49.77
CA PRO A 460 -7.00 8.97 50.10
C PRO A 460 -7.72 9.95 49.15
N ALA A 461 -7.09 11.06 48.77
CA ALA A 461 -7.75 11.98 47.86
C ALA A 461 -7.81 11.43 46.52
N ILE A 462 -6.75 10.71 46.08
CA ILE A 462 -6.76 10.06 44.77
C ILE A 462 -7.95 9.09 44.65
N ILE A 463 -8.05 8.20 45.64
CA ILE A 463 -9.17 7.25 45.70
C ILE A 463 -10.52 7.87 45.77
N GLU A 464 -10.70 8.92 46.57
CA GLU A 464 -12.00 9.60 46.67
C GLU A 464 -12.33 10.19 45.29
N ARG A 465 -11.34 10.75 44.64
CA ARG A 465 -11.62 11.39 43.37
C ARG A 465 -12.06 10.36 42.31
N LEU A 466 -11.32 9.26 42.22
CA LEU A 466 -11.60 8.23 41.24
C LEU A 466 -12.77 7.31 41.55
N HIS A 467 -13.02 7.03 42.81
CA HIS A 467 -13.95 6.02 43.25
C HIS A 467 -15.03 6.44 44.21
N GLY A 468 -14.94 7.69 44.70
CA GLY A 468 -15.86 8.26 45.62
C GLY A 468 -15.60 7.84 47.06
N LEU A 469 -16.23 8.53 47.99
CA LEU A 469 -16.10 8.17 49.41
C LEU A 469 -16.58 6.79 49.68
N GLU A 470 -17.53 6.29 48.87
CA GLU A 470 -17.99 4.91 49.01
C GLU A 470 -16.90 3.86 49.01
N ALA A 471 -15.78 4.17 48.36
CA ALA A 471 -14.69 3.25 48.31
C ALA A 471 -14.16 2.93 49.70
N PHE A 472 -14.38 3.81 50.67
CA PHE A 472 -13.92 3.58 52.08
C PHE A 472 -14.91 2.89 52.97
N SER A 473 -16.05 2.52 52.43
CA SER A 473 -17.10 1.95 53.23
C SER A 473 -17.82 0.74 52.58
N LEU A 474 -17.32 0.18 51.49
CA LEU A 474 -18.06 -0.91 50.85
C LEU A 474 -18.13 -2.11 51.76
N HIS A 475 -19.27 -2.83 51.73
CA HIS A 475 -19.44 -4.02 52.54
C HIS A 475 -20.48 -4.91 51.81
N THR A 476 -20.64 -6.15 52.24
CA THR A 476 -21.62 -7.03 51.63
C THR A 476 -21.27 -7.23 50.15
N TYR A 477 -20.03 -7.63 49.92
CA TYR A 477 -19.59 -8.02 48.59
C TYR A 477 -20.29 -9.29 48.07
N SER A 478 -20.24 -9.52 46.78
CA SER A 478 -20.90 -10.65 46.14
C SER A 478 -20.21 -11.96 46.41
N PRO A 479 -20.97 -13.02 46.36
CA PRO A 479 -20.39 -14.35 46.61
C PRO A 479 -19.39 -14.77 45.51
N HIS A 480 -19.60 -14.34 44.26
CA HIS A 480 -18.58 -14.58 43.19
C HIS A 480 -17.25 -13.94 43.62
N GLU A 481 -17.32 -12.70 44.09
CA GLU A 481 -16.15 -11.95 44.45
C GLU A 481 -15.48 -12.51 45.65
N LEU A 482 -16.24 -12.77 46.73
CA LEU A 482 -15.68 -13.38 47.91
C LEU A 482 -15.09 -14.76 47.72
N SER A 483 -15.68 -15.57 46.87
CA SER A 483 -15.21 -16.90 46.53
C SER A 483 -13.85 -16.79 45.85
N ARG A 484 -13.76 -15.85 44.95
CA ARG A 484 -12.51 -15.71 44.23
C ARG A 484 -11.33 -15.25 45.13
N VAL A 485 -11.58 -14.28 46.00
CA VAL A 485 -10.59 -13.80 46.98
C VAL A 485 -10.21 -14.92 47.93
N ALA A 486 -11.21 -15.64 48.44
CA ALA A 486 -10.94 -16.79 49.29
C ALA A 486 -10.10 -17.90 48.64
N ALA A 487 -10.42 -18.21 47.42
CA ALA A 487 -9.66 -19.16 46.62
C ALA A 487 -8.23 -18.76 46.35
N THR A 488 -7.97 -17.49 46.16
CA THR A 488 -6.61 -16.96 45.96
C THR A 488 -5.79 -17.05 47.23
N LEU A 489 -6.38 -16.62 48.33
CA LEU A 489 -5.66 -16.66 49.60
C LEU A 489 -5.27 -18.11 49.87
N ARG A 490 -6.12 -19.05 49.53
CA ARG A 490 -5.82 -20.49 49.84
C ARG A 490 -4.76 -20.99 48.90
N LYS A 491 -4.85 -20.63 47.62
CA LYS A 491 -3.89 -21.04 46.62
C LYS A 491 -2.47 -20.57 46.96
N LEU A 492 -2.36 -19.36 47.45
CA LEU A 492 -1.07 -18.75 47.63
C LEU A 492 -0.52 -18.99 48.98
N GLY A 493 -1.34 -19.56 49.84
CA GLY A 493 -1.02 -19.69 51.25
C GLY A 493 -0.95 -18.41 52.01
N ALA A 494 -1.84 -17.50 51.68
CA ALA A 494 -1.86 -16.19 52.35
C ALA A 494 -2.64 -16.33 53.63
N PRO A 495 -2.43 -15.41 54.57
CA PRO A 495 -3.33 -15.41 55.77
C PRO A 495 -4.79 -15.15 55.37
N PRO A 496 -5.76 -15.66 56.14
CA PRO A 496 -7.19 -15.38 55.91
C PRO A 496 -7.51 -13.92 56.18
N LEU A 497 -8.59 -13.46 55.58
CA LEU A 497 -9.04 -12.06 55.76
C LEU A 497 -9.12 -11.60 57.19
N ARG A 498 -9.58 -12.47 58.09
CA ARG A 498 -9.59 -12.14 59.52
C ARG A 498 -8.23 -11.77 60.10
N ALA A 499 -7.19 -12.44 59.67
CA ALA A 499 -5.84 -12.07 60.07
C ALA A 499 -5.40 -10.75 59.53
N TRP A 500 -5.75 -10.46 58.29
CA TRP A 500 -5.48 -9.12 57.71
C TRP A 500 -6.20 -8.03 58.50
N LYS A 501 -7.38 -8.28 59.03
CA LYS A 501 -8.04 -7.30 59.87
C LYS A 501 -7.27 -7.05 61.14
N SER A 502 -6.77 -8.11 61.80
CA SER A 502 -5.94 -7.98 63.01
C SER A 502 -4.70 -7.09 62.73
N ARG A 503 -4.06 -7.33 61.57
CA ARG A 503 -2.90 -6.58 61.21
C ARG A 503 -3.24 -5.14 60.93
N ALA A 504 -4.34 -4.92 60.23
CA ALA A 504 -4.71 -3.56 59.81
C ALA A 504 -5.06 -2.64 60.96
N ARG A 505 -5.62 -3.22 62.01
CA ARG A 505 -5.91 -2.41 63.18
C ARG A 505 -4.61 -1.76 63.69
N ALA A 506 -3.49 -2.50 63.76
CA ALA A 506 -2.23 -1.89 64.13
C ALA A 506 -1.66 -0.90 63.15
N VAL A 507 -1.77 -1.18 61.86
CA VAL A 507 -1.29 -0.25 60.85
C VAL A 507 -2.10 1.04 60.96
N ARG A 508 -3.40 0.93 61.09
CA ARG A 508 -4.25 2.11 61.25
C ARG A 508 -3.82 3.00 62.42
N ALA A 509 -3.57 2.37 63.56
CA ALA A 509 -3.09 3.12 64.75
C ALA A 509 -1.81 3.82 64.53
N SER A 510 -0.87 3.13 63.84
CA SER A 510 0.42 3.69 63.57
C SER A 510 0.36 4.91 62.66
N LEU A 511 -0.57 4.85 61.72
CA LEU A 511 -0.78 5.93 60.81
C LEU A 511 -1.35 7.13 61.54
N ILE A 512 -2.37 6.90 62.33
CA ILE A 512 -3.01 7.98 63.07
C ILE A 512 -2.02 8.71 63.98
N ALA A 513 -1.13 7.95 64.59
CA ALA A 513 -0.19 8.52 65.54
C ALA A 513 0.86 9.34 64.81
N GLN A 514 1.14 9.07 63.54
CA GLN A 514 2.11 9.86 62.82
C GLN A 514 1.54 11.28 62.45
N GLY A 515 0.23 11.45 62.57
CA GLY A 515 -0.44 12.70 62.36
C GLY A 515 -0.62 13.16 60.91
N ALA A 516 -1.14 14.35 60.76
CA ALA A 516 -1.16 15.01 59.46
C ALA A 516 -1.73 14.11 58.36
N ARG A 517 -1.02 13.99 57.24
CA ARG A 517 -1.58 13.27 56.13
C ARG A 517 -1.60 11.76 56.42
N ALA A 518 -0.68 11.31 57.24
CA ALA A 518 -0.59 9.88 57.56
C ALA A 518 -1.85 9.51 58.30
N ALA A 519 -2.31 10.41 59.14
CA ALA A 519 -3.52 10.15 59.91
C ALA A 519 -4.80 10.10 59.06
N ILE A 520 -4.92 10.94 58.04
CA ILE A 520 -6.00 10.82 57.05
C ILE A 520 -5.95 9.44 56.36
N CYS A 521 -4.75 8.95 56.06
CA CYS A 521 -4.61 7.63 55.48
C CYS A 521 -5.14 6.58 56.44
N GLY A 522 -4.83 6.72 57.72
CA GLY A 522 -5.30 5.73 58.68
C GLY A 522 -6.78 5.75 58.83
N ARG A 523 -7.35 6.96 59.00
CA ARG A 523 -8.75 7.09 59.20
C ARG A 523 -9.60 6.69 58.04
N TYR A 524 -9.21 7.06 56.80
CA TYR A 524 -10.05 6.75 55.66
C TYR A 524 -9.79 5.32 55.07
N LEU A 525 -8.54 5.03 54.83
CA LEU A 525 -8.19 3.76 54.17
C LEU A 525 -8.53 2.56 55.07
N PHE A 526 -8.51 2.76 56.40
CA PHE A 526 -8.65 1.64 57.31
C PHE A 526 -9.84 1.78 58.23
N ASN A 527 -10.85 2.55 57.83
CA ASN A 527 -12.11 2.62 58.59
C ASN A 527 -12.77 1.25 58.70
N TRP A 528 -12.60 0.40 57.70
CA TRP A 528 -13.21 -0.94 57.66
C TRP A 528 -12.67 -1.80 58.85
N ALA A 529 -11.50 -1.45 59.37
CA ALA A 529 -10.80 -2.30 60.32
C ALA A 529 -11.28 -2.09 61.77
N VAL A 530 -12.01 -1.01 62.05
CA VAL A 530 -12.43 -0.76 63.43
C VAL A 530 -13.92 -1.09 63.68
N LYS A 531 -14.23 -1.40 64.93
CA LYS A 531 -15.61 -1.64 65.39
C LYS A 531 -16.45 -0.36 65.32
N THR A 532 -16.01 0.72 65.96
CA THR A 532 -16.73 2.00 65.94
C THR A 532 -16.23 2.88 64.78
N LYS A 533 -16.98 2.87 63.71
CA LYS A 533 -16.54 3.47 62.50
C LYS A 533 -16.66 4.96 62.61
N LEU A 534 -15.70 5.63 61.99
CA LEU A 534 -15.74 7.08 61.90
C LEU A 534 -16.70 7.46 60.76
N LYS A 535 -17.25 8.67 60.87
CA LYS A 535 -18.05 9.28 59.84
C LYS A 535 -17.11 10.04 58.95
N LEU A 536 -16.91 9.51 57.74
CA LEU A 536 -15.95 10.11 56.85
C LEU A 536 -16.63 11.22 56.01
N THR A 537 -15.98 12.34 55.94
CA THR A 537 -16.44 13.47 55.14
C THR A 537 -15.58 13.67 53.92
N PRO A 538 -16.09 14.37 52.92
CA PRO A 538 -15.31 14.60 51.70
C PRO A 538 -14.03 15.33 52.03
N LEU A 539 -12.99 14.96 51.30
CA LEU A 539 -11.68 15.53 51.44
C LEU A 539 -11.57 16.66 50.46
N PRO A 540 -11.33 17.89 50.93
CA PRO A 540 -11.28 19.04 49.98
C PRO A 540 -10.33 18.90 48.84
N GLU A 541 -9.14 18.31 49.07
CA GLU A 541 -8.21 18.11 48.02
C GLU A 541 -8.72 17.21 46.92
N ALA A 542 -9.56 16.22 47.20
CA ALA A 542 -9.97 15.28 46.17
C ALA A 542 -10.85 16.02 45.14
N SER A 543 -11.66 16.97 45.63
CA SER A 543 -12.60 17.77 44.83
C SER A 543 -11.89 18.67 43.81
N ARG A 544 -10.61 18.94 44.08
CA ARG A 544 -9.78 19.78 43.25
C ARG A 544 -8.79 19.05 42.35
N LEU A 545 -8.74 17.71 42.45
CA LEU A 545 -7.77 16.92 41.63
C LEU A 545 -8.22 16.69 40.19
N ASP A 546 -7.30 16.86 39.28
CA ASP A 546 -7.44 16.60 37.82
C ASP A 546 -6.71 15.27 37.44
N LEU A 547 -7.41 14.15 37.35
CA LEU A 547 -6.75 12.85 37.12
C LEU A 547 -7.00 12.24 35.71
N SER A 548 -7.74 12.95 34.84
CA SER A 548 -8.07 12.54 33.46
C SER A 548 -6.84 12.04 32.69
N GLY A 549 -5.73 12.77 32.89
CA GLY A 549 -4.44 12.55 32.24
C GLY A 549 -3.90 11.17 32.50
N TRP A 550 -4.45 10.50 33.51
CA TRP A 550 -4.04 9.16 33.85
C TRP A 550 -4.60 8.10 32.91
N PHE A 551 -5.62 8.47 32.15
CA PHE A 551 -6.39 7.50 31.35
C PHE A 551 -6.34 7.92 29.92
N THR A 552 -5.29 7.41 29.28
CA THR A 552 -4.99 7.66 27.87
C THR A 552 -4.60 6.34 27.19
N VAL A 553 -4.34 6.38 25.88
CA VAL A 553 -3.85 5.18 25.16
C VAL A 553 -2.42 5.08 25.65
N GLY A 554 -1.83 3.95 25.76
CA GLY A 554 -0.56 4.17 26.44
C GLY A 554 0.46 4.36 25.31
N ALA A 555 1.58 3.70 25.52
CA ALA A 555 2.59 3.54 24.53
C ALA A 555 2.87 2.08 24.58
N GLY A 556 3.46 1.59 23.51
CA GLY A 556 3.94 0.23 23.51
C GLY A 556 5.02 0.02 24.58
N GLY A 557 4.94 -1.09 25.33
CA GLY A 557 5.92 -1.37 26.36
C GLY A 557 5.75 -0.43 27.57
N GLY A 558 4.61 0.27 27.61
CA GLY A 558 4.44 1.34 28.61
C GLY A 558 5.56 2.40 28.64
N ASP A 559 6.22 2.62 27.50
CA ASP A 559 7.34 3.58 27.42
C ASP A 559 6.91 5.04 27.24
N ILE A 560 6.07 5.54 28.14
CA ILE A 560 5.75 6.96 28.24
C ILE A 560 5.45 7.34 29.67
N TYR A 561 5.85 8.54 30.03
CA TYR A 561 5.90 8.97 31.42
C TYR A 561 5.28 10.32 31.50
N HIS A 562 4.34 10.48 32.42
CA HIS A 562 3.72 11.76 32.69
C HIS A 562 4.06 12.32 34.09
N SER A 563 4.68 13.51 34.11
CA SER A 563 4.85 14.43 35.26
C SER A 563 6.02 14.06 36.13
N SER B 1 8.72 -10.11 -4.91
CA SER B 1 7.80 -11.22 -5.21
C SER B 1 8.03 -11.65 -6.65
N MET B 2 7.51 -12.79 -7.04
CA MET B 2 7.73 -13.23 -8.41
C MET B 2 6.71 -12.57 -9.33
N SER B 3 7.20 -12.14 -10.48
CA SER B 3 6.29 -11.53 -11.48
C SER B 3 5.15 -12.44 -11.87
N TYR B 4 5.43 -13.74 -12.06
CA TYR B 4 4.43 -14.74 -12.34
C TYR B 4 4.72 -16.06 -11.55
N THR B 5 3.67 -16.77 -11.20
CA THR B 5 3.79 -18.22 -10.92
C THR B 5 2.92 -18.97 -11.94
N TRP B 6 3.19 -20.26 -12.15
CA TRP B 6 2.62 -21.07 -13.23
C TRP B 6 2.19 -22.47 -12.67
N THR B 7 1.09 -22.99 -13.18
CA THR B 7 0.55 -24.29 -12.73
C THR B 7 1.07 -25.47 -13.51
N GLY B 8 1.48 -25.23 -14.74
CA GLY B 8 1.99 -26.25 -15.63
C GLY B 8 1.15 -26.37 -16.89
N ALA B 9 -0.08 -25.85 -16.83
CA ALA B 9 -0.97 -25.82 -17.98
C ALA B 9 -0.35 -24.94 -19.06
N LEU B 10 -0.54 -25.30 -20.33
CA LEU B 10 0.18 -24.58 -21.40
C LEU B 10 -0.55 -23.27 -21.75
N ILE B 11 0.19 -22.32 -22.33
CA ILE B 11 -0.46 -21.24 -23.04
C ILE B 11 -0.92 -21.75 -24.42
N THR B 12 -2.22 -21.87 -24.59
CA THR B 12 -2.80 -22.57 -25.73
C THR B 12 -3.33 -21.60 -26.74
N PRO B 13 -3.44 -22.01 -28.01
CA PRO B 13 -3.95 -21.14 -29.07
C PRO B 13 -5.46 -21.19 -29.11
N CYS B 14 -6.09 -20.33 -29.89
CA CYS B 14 -7.56 -20.41 -30.04
C CYS B 14 -7.99 -20.73 -31.47
N GLY B 15 -7.16 -21.49 -32.17
CA GLY B 15 -7.36 -21.79 -33.58
C GLY B 15 -6.04 -22.05 -34.29
N PRO B 16 -6.10 -22.17 -35.62
CA PRO B 16 -4.87 -22.34 -36.41
C PRO B 16 -3.91 -21.11 -36.29
N GLU B 17 -2.63 -21.44 -36.31
CA GLU B 17 -1.51 -20.51 -36.17
C GLU B 17 -0.46 -20.85 -37.23
N GLU B 18 -0.37 -20.04 -38.28
CA GLU B 18 0.64 -20.24 -39.34
C GLU B 18 2.00 -19.65 -38.94
N GLU B 19 3.10 -20.37 -39.19
CA GLU B 19 4.43 -20.01 -38.79
C GLU B 19 5.26 -19.40 -39.98
N LYS B 20 4.92 -19.79 -41.20
CA LYS B 20 5.75 -19.46 -42.40
C LYS B 20 4.95 -18.62 -43.39
N LEU B 21 5.61 -17.77 -44.16
CA LEU B 21 4.99 -17.06 -45.29
C LEU B 21 4.96 -17.95 -46.52
N PRO B 22 3.79 -18.16 -47.11
CA PRO B 22 3.71 -18.97 -48.35
C PRO B 22 4.40 -18.32 -49.52
N ILE B 23 4.72 -19.14 -50.51
CA ILE B 23 5.32 -18.68 -51.76
C ILE B 23 4.13 -18.30 -52.63
N ASN B 24 3.95 -17.03 -52.92
CA ASN B 24 2.77 -16.52 -53.61
C ASN B 24 3.26 -15.32 -54.43
N PRO B 25 2.78 -15.25 -55.66
CA PRO B 25 3.24 -14.22 -56.60
C PRO B 25 2.94 -12.81 -56.11
N LEU B 26 1.88 -12.63 -55.32
CA LEU B 26 1.43 -11.30 -54.89
C LEU B 26 2.29 -10.76 -53.76
N SER B 27 2.83 -11.65 -52.92
CA SER B 27 3.83 -11.22 -51.97
C SER B 27 5.26 -11.30 -52.54
N ASN B 28 5.51 -12.16 -53.54
CA ASN B 28 6.83 -12.39 -54.10
C ASN B 28 7.32 -11.18 -54.87
N SER B 29 6.41 -10.46 -55.49
CA SER B 29 6.81 -9.22 -56.17
C SER B 29 7.30 -8.12 -55.21
N LEU B 30 7.01 -8.26 -53.92
CA LEU B 30 7.50 -7.32 -52.90
C LEU B 30 8.79 -7.78 -52.30
N MET B 31 8.90 -9.07 -51.99
CA MET B 31 10.12 -9.65 -51.44
C MET B 31 10.15 -11.18 -51.74
N ARG B 32 11.31 -11.63 -52.17
CA ARG B 32 11.52 -12.98 -52.66
C ARG B 32 11.89 -13.95 -51.58
N PHE B 33 12.57 -13.46 -50.54
CA PHE B 33 13.14 -14.36 -49.56
C PHE B 33 12.10 -14.74 -48.50
N HIS B 34 11.08 -15.46 -48.95
CA HIS B 34 9.98 -15.85 -48.11
C HIS B 34 10.41 -16.70 -46.90
N ASN B 35 11.48 -17.50 -47.00
CA ASN B 35 11.91 -18.27 -45.80
C ASN B 35 12.50 -17.45 -44.67
N LYS B 36 12.77 -16.16 -44.89
CA LYS B 36 13.26 -15.32 -43.81
C LYS B 36 12.18 -14.83 -42.88
N VAL B 37 10.93 -14.95 -43.31
CA VAL B 37 9.77 -14.42 -42.59
C VAL B 37 9.13 -15.49 -41.73
N TYR B 38 8.71 -15.10 -40.54
CA TYR B 38 7.98 -16.01 -39.64
C TYR B 38 7.00 -15.21 -38.80
N SER B 39 5.96 -15.91 -38.32
CA SER B 39 5.07 -15.41 -37.32
C SER B 39 5.33 -16.15 -36.04
N THR B 40 5.29 -15.42 -34.93
CA THR B 40 5.34 -16.08 -33.62
C THR B 40 4.05 -16.85 -33.37
N THR B 41 4.15 -17.95 -32.61
CA THR B 41 2.95 -18.74 -32.27
C THR B 41 3.06 -19.18 -30.83
N SER B 42 2.00 -19.81 -30.32
CA SER B 42 1.99 -20.45 -29.01
C SER B 42 3.03 -21.53 -28.80
N ARG B 43 3.66 -22.05 -29.84
CA ARG B 43 4.68 -23.08 -29.69
C ARG B 43 5.88 -22.58 -28.89
N SER B 44 6.08 -21.25 -28.84
CA SER B 44 7.25 -20.65 -28.20
C SER B 44 6.88 -19.90 -26.93
N ALA B 45 5.63 -19.99 -26.51
CA ALA B 45 5.15 -19.28 -25.32
C ALA B 45 5.83 -19.66 -24.00
N SER B 46 6.14 -20.94 -23.86
CA SER B 46 6.88 -21.39 -22.69
C SER B 46 8.27 -20.78 -22.60
N LEU B 47 8.90 -20.52 -23.73
CA LEU B 47 10.19 -19.87 -23.72
C LEU B 47 10.02 -18.41 -23.27
N ARG B 48 8.94 -17.79 -23.70
CA ARG B 48 8.72 -16.38 -23.26
C ARG B 48 8.37 -16.35 -21.76
N ALA B 49 7.55 -17.30 -21.35
CA ALA B 49 7.09 -17.42 -19.99
C ALA B 49 8.25 -17.45 -19.04
N LYS B 50 9.30 -18.20 -19.40
CA LYS B 50 10.50 -18.23 -18.61
C LYS B 50 11.25 -16.91 -18.58
N LYS B 51 11.29 -16.17 -19.68
CA LYS B 51 12.10 -14.94 -19.66
C LYS B 51 11.45 -13.86 -18.79
N VAL B 52 10.12 -13.89 -18.67
CA VAL B 52 9.39 -12.77 -18.02
C VAL B 52 9.03 -13.08 -16.57
N THR B 53 9.44 -14.26 -16.13
CA THR B 53 9.26 -14.71 -14.75
C THR B 53 10.54 -14.55 -13.98
N PHE B 54 10.53 -13.64 -12.99
CA PHE B 54 11.67 -13.44 -12.10
C PHE B 54 11.23 -12.68 -10.85
N ASP B 55 12.05 -12.76 -9.78
CA ASP B 55 11.86 -12.04 -8.50
C ASP B 55 12.23 -10.55 -8.68
N ARG B 56 11.41 -9.65 -8.17
CA ARG B 56 11.77 -8.22 -8.20
C ARG B 56 12.13 -7.79 -6.80
N VAL B 57 13.16 -6.97 -6.65
CA VAL B 57 13.60 -6.49 -5.37
C VAL B 57 13.79 -4.97 -5.50
N GLN B 58 12.79 -4.19 -5.26
CA GLN B 58 12.91 -2.77 -5.51
C GLN B 58 13.37 -2.05 -4.27
N VAL B 59 14.29 -1.10 -4.42
CA VAL B 59 14.80 -0.31 -3.33
C VAL B 59 14.72 1.17 -3.75
N LEU B 60 13.85 1.92 -3.10
CA LEU B 60 13.59 3.35 -3.43
C LEU B 60 14.43 4.29 -2.57
N ASP B 61 14.62 5.55 -2.98
CA ASP B 61 15.47 6.52 -2.28
C ASP B 61 14.91 7.90 -2.42
N ALA B 62 15.64 8.90 -2.00
CA ALA B 62 15.11 10.20 -1.87
C ALA B 62 14.94 10.91 -3.21
N HIS B 63 15.75 10.51 -4.19
CA HIS B 63 15.55 11.03 -5.54
C HIS B 63 14.18 10.60 -6.03
N TYR B 64 13.86 9.34 -5.86
CA TYR B 64 12.57 8.84 -6.25
C TYR B 64 11.45 9.56 -5.49
N ASP B 65 11.61 9.61 -4.16
CA ASP B 65 10.60 10.26 -3.37
C ASP B 65 10.30 11.70 -3.84
N SER B 66 11.33 12.53 -4.12
CA SER B 66 11.11 13.91 -4.53
C SER B 66 10.38 14.01 -5.86
N VAL B 67 10.68 13.10 -6.79
CA VAL B 67 9.98 13.15 -8.07
C VAL B 67 8.50 12.74 -7.90
N LEU B 68 8.24 11.66 -7.15
CA LEU B 68 6.84 11.30 -6.82
C LEU B 68 6.05 12.41 -6.15
N GLN B 69 6.63 13.12 -5.18
CA GLN B 69 5.94 14.24 -4.59
C GLN B 69 5.56 15.35 -5.59
N ASP B 70 6.43 15.64 -6.53
CA ASP B 70 6.18 16.67 -7.48
C ASP B 70 5.08 16.22 -8.45
N VAL B 71 5.08 14.93 -8.78
CA VAL B 71 4.02 14.36 -9.64
C VAL B 71 2.64 14.44 -8.99
N LYS B 72 2.57 14.02 -7.72
CA LYS B 72 1.32 14.06 -7.03
C LYS B 72 0.84 15.50 -6.89
N ARG B 73 1.75 16.48 -6.79
CA ARG B 73 1.35 17.88 -6.70
C ARG B 73 0.76 18.32 -8.05
N ALA B 74 1.43 18.04 -9.15
CA ALA B 74 0.88 18.38 -10.48
C ALA B 74 -0.46 17.68 -10.76
N ALA B 75 -0.67 16.47 -10.27
CA ALA B 75 -1.93 15.77 -10.46
C ALA B 75 -3.10 16.42 -9.75
N SER B 76 -2.84 17.07 -8.61
CA SER B 76 -3.82 17.88 -7.88
C SER B 76 -4.59 18.87 -8.75
N LYS B 77 -3.98 19.34 -9.80
CA LYS B 77 -4.62 20.33 -10.67
C LYS B 77 -5.54 19.73 -11.69
N VAL B 78 -5.65 18.39 -11.71
CA VAL B 78 -6.44 17.72 -12.71
C VAL B 78 -7.83 17.44 -12.16
N SER B 79 -8.82 17.68 -13.00
CA SER B 79 -10.18 17.21 -12.70
C SER B 79 -10.71 16.38 -13.86
N ALA B 80 -11.33 15.25 -13.53
CA ALA B 80 -11.81 14.32 -14.55
C ALA B 80 -13.19 13.76 -14.15
N ARG B 81 -13.93 13.28 -15.14
CA ARG B 81 -15.30 12.75 -14.97
C ARG B 81 -15.36 11.34 -15.48
N LEU B 82 -16.44 10.69 -15.13
CA LEU B 82 -16.74 9.36 -15.57
C LEU B 82 -17.26 9.50 -17.02
N LEU B 83 -16.99 8.49 -17.84
CA LEU B 83 -17.70 8.33 -19.14
C LEU B 83 -19.02 7.65 -18.89
N THR B 84 -20.04 8.01 -19.67
CA THR B 84 -21.26 7.21 -19.77
C THR B 84 -20.89 5.87 -20.41
N VAL B 85 -21.76 4.90 -20.24
CA VAL B 85 -21.63 3.63 -20.94
C VAL B 85 -21.64 3.81 -22.49
N GLU B 86 -22.52 4.65 -23.01
CA GLU B 86 -22.55 4.94 -24.45
C GLU B 86 -21.22 5.56 -24.97
N GLU B 87 -20.59 6.42 -24.20
CA GLU B 87 -19.32 7.01 -24.60
C GLU B 87 -18.16 5.96 -24.60
N ALA B 88 -18.15 5.10 -23.58
CA ALA B 88 -17.15 4.06 -23.48
C ALA B 88 -17.35 3.00 -24.54
N CYS B 89 -18.63 2.71 -24.85
CA CYS B 89 -19.00 1.73 -25.86
C CYS B 89 -18.45 2.18 -27.23
N ALA B 90 -18.58 3.46 -27.54
CA ALA B 90 -18.06 4.01 -28.81
C ALA B 90 -16.50 4.03 -28.96
N LEU B 91 -15.78 3.86 -27.84
CA LEU B 91 -14.33 3.69 -27.85
C LEU B 91 -13.80 2.29 -28.09
N THR B 92 -14.69 1.35 -28.20
CA THR B 92 -14.37 -0.07 -28.22
C THR B 92 -14.08 -0.50 -29.69
N PRO B 93 -12.90 -1.01 -30.01
CA PRO B 93 -12.63 -1.38 -31.41
C PRO B 93 -13.56 -2.48 -31.93
N PRO B 94 -13.95 -2.41 -33.21
CA PRO B 94 -14.85 -3.41 -33.80
C PRO B 94 -14.44 -4.83 -33.67
N HIS B 95 -13.15 -5.13 -33.64
CA HIS B 95 -12.72 -6.53 -33.57
C HIS B 95 -12.18 -6.93 -32.17
N SER B 96 -12.53 -6.13 -31.17
CA SER B 96 -12.10 -6.40 -29.81
C SER B 96 -12.64 -7.77 -29.39
N ALA B 97 -11.86 -8.55 -28.64
CA ALA B 97 -12.20 -9.92 -28.23
C ALA B 97 -13.55 -9.98 -27.56
N LYS B 98 -14.36 -10.96 -27.98
CA LYS B 98 -15.75 -11.08 -27.52
C LYS B 98 -15.80 -11.42 -26.04
N SER B 99 -16.90 -11.08 -25.41
CA SER B 99 -17.16 -11.49 -24.03
C SER B 99 -17.48 -12.98 -23.91
N ARG B 100 -17.30 -13.54 -22.72
CA ARG B 100 -17.78 -14.89 -22.43
C ARG B 100 -19.27 -14.93 -22.06
N TYR B 101 -19.88 -13.76 -21.96
CA TYR B 101 -21.25 -13.54 -21.49
C TYR B 101 -22.26 -13.33 -22.65
N GLY B 102 -21.88 -13.84 -23.83
CA GLY B 102 -22.79 -13.93 -24.98
C GLY B 102 -22.95 -12.69 -25.83
N PHE B 103 -21.88 -11.91 -25.94
CA PHE B 103 -21.92 -10.73 -26.83
C PHE B 103 -20.49 -10.36 -27.19
N GLY B 104 -20.31 -9.64 -28.27
CA GLY B 104 -19.01 -9.15 -28.64
C GLY B 104 -18.94 -7.68 -28.85
N ALA B 105 -17.91 -7.25 -29.57
CA ALA B 105 -17.71 -5.81 -29.80
C ALA B 105 -18.82 -5.24 -30.64
N LYS B 106 -19.33 -6.00 -31.62
CA LYS B 106 -20.39 -5.48 -32.49
C LYS B 106 -21.58 -5.04 -31.61
N GLU B 107 -21.95 -5.91 -30.68
CA GLU B 107 -23.03 -5.63 -29.73
C GLU B 107 -22.74 -4.45 -28.80
N VAL B 108 -21.52 -4.32 -28.35
CA VAL B 108 -21.18 -3.17 -27.53
C VAL B 108 -21.35 -1.86 -28.28
N ARG B 109 -20.81 -1.82 -29.49
CA ARG B 109 -20.82 -0.66 -30.30
C ARG B 109 -22.24 -0.28 -30.74
N SER B 110 -23.11 -1.27 -30.93
CA SER B 110 -24.51 -1.00 -31.27
C SER B 110 -25.39 -0.76 -30.01
N LEU B 111 -24.77 -0.83 -28.84
CA LEU B 111 -25.47 -0.63 -27.56
C LEU B 111 -26.62 -1.62 -27.42
N SER B 112 -26.37 -2.88 -27.73
CA SER B 112 -27.39 -3.87 -27.55
C SER B 112 -27.75 -3.97 -26.05
N ARG B 113 -29.04 -4.26 -25.80
CA ARG B 113 -29.51 -4.47 -24.45
C ARG B 113 -28.69 -5.50 -23.64
N ARG B 114 -28.32 -6.64 -24.23
CA ARG B 114 -27.62 -7.64 -23.50
C ARG B 114 -26.19 -7.14 -23.06
N ALA B 115 -25.54 -6.41 -23.96
CA ALA B 115 -24.19 -5.88 -23.66
C ALA B 115 -24.25 -4.76 -22.59
N VAL B 116 -25.15 -3.79 -22.77
CA VAL B 116 -25.27 -2.67 -21.87
C VAL B 116 -25.67 -3.15 -20.47
N ASN B 117 -26.61 -4.10 -20.34
CA ASN B 117 -26.97 -4.66 -19.02
C ASN B 117 -25.79 -5.32 -18.33
N HIS B 118 -25.02 -6.04 -19.11
CA HIS B 118 -23.91 -6.77 -18.55
C HIS B 118 -22.87 -5.77 -18.06
N ILE B 119 -22.56 -4.79 -18.90
CA ILE B 119 -21.60 -3.75 -18.53
C ILE B 119 -22.03 -3.03 -17.22
N ARG B 120 -23.28 -2.58 -17.16
CA ARG B 120 -23.79 -1.99 -15.91
C ARG B 120 -23.73 -2.94 -14.73
N SER B 121 -23.96 -4.22 -14.95
CA SER B 121 -23.85 -5.20 -13.89
C SER B 121 -22.39 -5.31 -13.36
N VAL B 122 -21.42 -5.32 -14.28
CA VAL B 122 -20.00 -5.38 -13.93
C VAL B 122 -19.64 -4.12 -13.15
N TRP B 123 -20.12 -2.95 -13.59
CA TRP B 123 -19.85 -1.70 -12.93
C TRP B 123 -20.30 -1.71 -11.42
N GLU B 124 -21.52 -2.19 -11.20
CA GLU B 124 -22.11 -2.23 -9.88
C GLU B 124 -21.40 -3.28 -9.07
N ASP B 125 -20.94 -4.37 -9.67
CA ASP B 125 -20.04 -5.28 -8.96
C ASP B 125 -18.68 -4.63 -8.57
N LEU B 126 -18.14 -3.78 -9.41
CA LEU B 126 -16.90 -3.05 -9.04
C LEU B 126 -17.12 -2.06 -7.88
N LEU B 127 -18.35 -1.57 -7.78
CA LEU B 127 -18.69 -0.60 -6.76
C LEU B 127 -18.87 -1.24 -5.42
N GLU B 128 -19.20 -2.53 -5.37
CA GLU B 128 -19.56 -3.21 -4.11
C GLU B 128 -18.49 -4.15 -3.58
N ASP B 129 -17.69 -4.72 -4.48
CA ASP B 129 -16.69 -5.70 -4.13
C ASP B 129 -15.34 -5.08 -4.58
N GLN B 130 -14.48 -4.81 -3.62
CA GLN B 130 -13.21 -4.13 -3.88
C GLN B 130 -12.00 -5.05 -3.78
N HIS B 131 -12.20 -6.36 -3.60
CA HIS B 131 -11.11 -7.27 -3.31
C HIS B 131 -11.02 -8.55 -4.10
N THR B 132 -12.11 -9.11 -4.61
CA THR B 132 -11.99 -10.43 -5.24
C THR B 132 -11.23 -10.32 -6.59
N PRO B 133 -10.13 -11.05 -6.75
CA PRO B 133 -9.33 -10.96 -7.99
C PRO B 133 -10.18 -11.31 -9.22
N ILE B 134 -10.02 -10.53 -10.27
CA ILE B 134 -10.77 -10.66 -11.52
C ILE B 134 -9.96 -11.53 -12.48
N ASP B 135 -10.68 -12.41 -13.18
CA ASP B 135 -10.01 -13.45 -13.95
C ASP B 135 -9.43 -12.78 -15.18
N THR B 136 -8.39 -13.37 -15.71
CA THR B 136 -7.83 -12.88 -16.99
C THR B 136 -7.48 -14.04 -17.86
N THR B 137 -7.34 -13.76 -19.16
CA THR B 137 -6.92 -14.75 -20.14
C THR B 137 -5.47 -14.44 -20.51
N ILE B 138 -4.64 -15.47 -20.62
CA ILE B 138 -3.29 -15.34 -21.19
C ILE B 138 -3.20 -16.00 -22.57
N MET B 139 -2.62 -15.27 -23.55
CA MET B 139 -2.52 -15.76 -24.92
C MET B 139 -1.13 -15.42 -25.47
N ALA B 140 -0.62 -16.21 -26.41
CA ALA B 140 0.60 -15.82 -27.13
C ALA B 140 0.18 -14.97 -28.32
N LYS B 141 0.80 -13.82 -28.52
CA LYS B 141 0.49 -13.00 -29.71
C LYS B 141 1.11 -13.65 -30.97
N ASN B 142 0.45 -13.50 -32.09
CA ASN B 142 0.96 -13.88 -33.38
C ASN B 142 1.40 -12.56 -34.09
N GLU B 143 2.73 -12.36 -34.17
CA GLU B 143 3.30 -11.22 -34.83
C GLU B 143 4.41 -11.70 -35.84
N VAL B 144 4.52 -10.91 -36.89
CA VAL B 144 5.46 -11.19 -37.96
C VAL B 144 6.75 -10.37 -37.85
N PHE B 145 7.86 -11.10 -38.03
CA PHE B 145 9.21 -10.58 -38.14
C PHE B 145 10.02 -11.22 -39.28
N CYS B 146 11.17 -10.62 -39.55
CA CYS B 146 12.23 -11.19 -40.35
C CYS B 146 13.28 -11.82 -39.45
N ILE B 147 13.80 -12.97 -39.86
CA ILE B 147 14.89 -13.63 -39.09
C ILE B 147 16.08 -12.70 -39.03
N ASP B 148 16.70 -12.61 -37.84
CA ASP B 148 17.92 -11.81 -37.62
C ASP B 148 19.02 -12.52 -36.75
N LYS B 154 15.05 -16.48 -34.05
CA LYS B 154 13.60 -16.20 -34.02
C LYS B 154 13.19 -15.83 -32.61
N LYS B 155 12.40 -14.79 -32.47
CA LYS B 155 11.94 -14.31 -31.18
C LYS B 155 10.83 -15.23 -30.71
N PRO B 156 10.70 -15.47 -29.39
CA PRO B 156 9.51 -16.16 -28.91
C PRO B 156 8.28 -15.22 -28.94
N ALA B 157 7.07 -15.77 -28.85
CA ALA B 157 5.83 -14.94 -28.89
C ALA B 157 5.81 -14.06 -27.68
N ARG B 158 5.35 -12.81 -27.82
CA ARG B 158 5.00 -11.98 -26.66
C ARG B 158 3.71 -12.54 -26.08
N LEU B 159 3.53 -12.36 -24.80
CA LEU B 159 2.32 -12.80 -24.12
C LEU B 159 1.38 -11.64 -23.83
N ILE B 160 0.08 -11.88 -23.92
CA ILE B 160 -0.87 -10.84 -23.56
C ILE B 160 -1.86 -11.37 -22.51
N VAL B 161 -2.15 -10.56 -21.53
CA VAL B 161 -3.02 -10.91 -20.37
C VAL B 161 -4.12 -9.85 -20.33
N TYR B 162 -5.38 -10.27 -20.46
CA TYR B 162 -6.47 -9.32 -20.51
C TYR B 162 -7.75 -9.87 -19.86
N PRO B 163 -8.55 -8.99 -19.26
CA PRO B 163 -9.85 -9.39 -18.72
C PRO B 163 -10.97 -9.36 -19.74
N ASP B 164 -12.15 -9.78 -19.31
CA ASP B 164 -13.30 -9.87 -20.20
C ASP B 164 -13.69 -8.53 -20.75
N LEU B 165 -14.34 -8.55 -21.92
CA LEU B 165 -14.79 -7.33 -22.56
C LEU B 165 -15.62 -6.44 -21.66
N GLY B 166 -16.54 -7.03 -20.87
CA GLY B 166 -17.29 -6.24 -19.92
C GLY B 166 -16.44 -5.41 -18.96
N VAL B 167 -15.42 -6.00 -18.41
CA VAL B 167 -14.48 -5.29 -17.56
C VAL B 167 -13.78 -4.18 -18.35
N ARG B 168 -13.29 -4.53 -19.54
CA ARG B 168 -12.61 -3.55 -20.39
C ARG B 168 -13.41 -2.28 -20.69
N VAL B 169 -14.73 -2.37 -20.85
CA VAL B 169 -15.50 -1.18 -21.13
C VAL B 169 -15.60 -0.36 -19.84
N CYS B 170 -15.75 -1.03 -18.71
CA CYS B 170 -15.77 -0.36 -17.37
C CYS B 170 -14.45 0.39 -17.06
N GLU B 171 -13.33 -0.20 -17.41
CA GLU B 171 -12.05 0.47 -17.24
C GLU B 171 -12.01 1.84 -17.95
N LYS B 172 -12.49 1.88 -19.18
CA LYS B 172 -12.67 3.13 -19.92
C LYS B 172 -13.60 4.12 -19.23
N MET B 173 -14.78 3.66 -18.78
CA MET B 173 -15.66 4.61 -18.08
C MET B 173 -14.96 5.35 -16.92
N ALA B 174 -14.14 4.62 -16.21
CA ALA B 174 -13.52 5.12 -14.98
C ALA B 174 -12.29 5.96 -15.24
N LEU B 175 -11.50 5.61 -16.26
CA LEU B 175 -10.19 6.14 -16.41
C LEU B 175 -9.88 6.86 -17.72
N TYR B 176 -10.76 6.82 -18.71
CA TYR B 176 -10.42 7.42 -20.02
C TYR B 176 -10.16 8.89 -19.85
N ASP B 177 -11.01 9.58 -19.10
CA ASP B 177 -10.84 11.04 -18.99
C ASP B 177 -9.62 11.47 -18.21
N ILE B 178 -9.27 10.66 -17.21
CA ILE B 178 -7.99 10.80 -16.54
C ILE B 178 -6.86 10.61 -17.53
N ALA B 179 -6.91 9.57 -18.34
CA ALA B 179 -5.89 9.33 -19.33
C ALA B 179 -5.77 10.47 -20.34
N GLN B 180 -6.86 11.17 -20.68
CA GLN B 180 -6.72 12.28 -21.62
C GLN B 180 -5.98 13.48 -21.04
N LYS B 181 -5.91 13.57 -19.71
CA LYS B 181 -5.46 14.81 -19.07
C LYS B 181 -4.26 14.68 -18.14
N LEU B 182 -4.17 13.57 -17.40
CA LEU B 182 -3.16 13.43 -16.35
C LEU B 182 -1.67 13.33 -16.84
N PRO B 183 -1.37 12.46 -17.78
CA PRO B 183 0.01 12.39 -18.29
C PRO B 183 0.55 13.72 -18.76
N LYS B 184 -0.20 14.52 -19.50
CA LYS B 184 0.32 15.84 -19.84
C LYS B 184 0.46 16.75 -18.63
N ALA B 185 -0.45 16.66 -17.68
CA ALA B 185 -0.39 17.50 -16.52
C ALA B 185 0.82 17.18 -15.67
N ILE B 186 1.29 15.94 -15.62
CA ILE B 186 2.38 15.60 -14.73
C ILE B 186 3.74 15.57 -15.41
N MET B 187 3.77 15.30 -16.71
CA MET B 187 5.00 15.15 -17.47
C MET B 187 5.20 16.27 -18.47
N GLY B 188 4.15 17.00 -18.80
CA GLY B 188 4.27 18.08 -19.78
C GLY B 188 4.77 17.62 -21.15
N PRO B 189 5.71 18.37 -21.75
CA PRO B 189 6.25 18.07 -23.07
C PRO B 189 6.92 16.65 -23.17
N SER B 190 7.35 16.09 -22.04
CA SER B 190 7.89 14.69 -22.02
C SER B 190 6.96 13.56 -22.31
N TYR B 191 5.64 13.80 -22.32
CA TYR B 191 4.72 12.74 -22.54
C TYR B 191 4.63 12.51 -24.09
N GLY B 192 5.12 11.38 -24.55
CA GLY B 192 5.30 11.17 -25.97
C GLY B 192 4.05 10.97 -26.79
N PHE B 193 3.00 10.39 -26.20
CA PHE B 193 1.78 10.01 -26.99
C PHE B 193 0.93 11.21 -27.45
N GLN B 194 1.18 12.36 -26.88
CA GLN B 194 0.55 13.60 -27.31
C GLN B 194 0.95 14.09 -28.68
N TYR B 195 2.03 13.57 -29.27
CA TYR B 195 2.60 14.15 -30.48
C TYR B 195 2.24 13.35 -31.72
N SER B 196 1.93 14.03 -32.82
CA SER B 196 1.91 13.38 -34.12
C SER B 196 3.40 13.14 -34.50
N PRO B 197 3.71 12.32 -35.48
CA PRO B 197 5.11 12.18 -35.91
C PRO B 197 5.86 13.52 -36.11
N ALA B 198 5.30 14.54 -36.78
CA ALA B 198 5.99 15.77 -37.00
C ALA B 198 6.25 16.49 -35.70
N GLU B 199 5.29 16.43 -34.80
CA GLU B 199 5.46 17.09 -33.51
C GLU B 199 6.53 16.40 -32.70
N ARG B 200 6.68 15.09 -32.81
CA ARG B 200 7.79 14.38 -32.11
C ARG B 200 9.11 14.88 -32.64
N VAL B 201 9.18 15.00 -33.96
CA VAL B 201 10.36 15.56 -34.61
C VAL B 201 10.72 16.89 -34.10
N ASP B 202 9.72 17.75 -34.00
CA ASP B 202 9.93 19.14 -33.62
C ASP B 202 10.41 19.19 -32.16
N PHE B 203 9.79 18.43 -31.28
CA PHE B 203 10.28 18.31 -29.89
C PHE B 203 11.78 17.88 -29.77
N LEU B 204 12.13 16.81 -30.42
CA LEU B 204 13.50 16.30 -30.41
C LEU B 204 14.52 17.25 -30.97
N LEU B 205 14.21 17.97 -32.06
CA LEU B 205 15.13 18.94 -32.65
C LEU B 205 15.35 20.11 -31.74
N LYS B 206 14.26 20.55 -31.12
CA LYS B 206 14.33 21.59 -30.10
C LYS B 206 15.09 21.17 -28.86
N ALA B 207 14.86 19.95 -28.36
CA ALA B 207 15.61 19.47 -27.22
C ALA B 207 17.11 19.45 -27.54
N TRP B 208 17.42 18.87 -28.71
CA TRP B 208 18.81 18.69 -29.14
C TRP B 208 19.51 20.05 -29.34
N GLY B 209 18.84 20.93 -30.07
CA GLY B 209 19.34 22.27 -30.32
C GLY B 209 19.45 23.17 -29.07
N SER B 210 18.78 22.82 -27.98
CA SER B 210 18.79 23.63 -26.72
C SER B 210 20.04 23.42 -25.88
N LYS B 211 20.83 22.40 -26.24
CA LYS B 211 22.03 22.04 -25.51
C LYS B 211 23.23 22.61 -26.27
N LYS B 212 24.24 23.15 -25.58
CA LYS B 212 25.54 23.44 -26.21
C LYS B 212 26.24 22.23 -26.81
N ASP B 213 26.37 21.14 -26.03
CA ASP B 213 27.06 19.91 -26.45
C ASP B 213 26.10 18.79 -26.15
N PRO B 214 25.13 18.56 -27.00
CA PRO B 214 24.09 17.56 -26.74
C PRO B 214 24.64 16.17 -26.65
N MET B 215 24.09 15.39 -25.74
CA MET B 215 24.27 13.98 -25.68
C MET B 215 22.89 13.33 -25.46
N GLY B 216 22.63 12.22 -26.13
CA GLY B 216 21.41 11.45 -25.99
C GLY B 216 21.61 9.99 -25.78
N PHE B 217 20.66 9.34 -25.14
CA PHE B 217 20.67 7.95 -25.01
C PHE B 217 19.23 7.42 -24.90
N SER B 218 19.01 6.18 -25.32
CA SER B 218 17.74 5.51 -25.05
C SER B 218 18.01 4.42 -24.02
N TYR B 219 17.01 4.10 -23.21
CA TYR B 219 17.21 3.15 -22.17
C TYR B 219 16.19 2.04 -22.38
N ASP B 220 16.70 0.84 -22.49
CA ASP B 220 15.90 -0.34 -22.86
C ASP B 220 15.72 -1.15 -21.62
N THR B 221 14.54 -1.07 -21.02
CA THR B 221 14.30 -1.89 -19.83
C THR B 221 14.01 -3.35 -20.31
N ARG B 222 14.60 -4.35 -19.64
CA ARG B 222 14.33 -5.73 -19.96
C ARG B 222 12.94 -6.10 -19.44
N CYS B 223 12.01 -6.46 -20.32
CA CYS B 223 10.63 -6.91 -19.92
C CYS B 223 9.95 -5.98 -18.98
N PHE B 224 9.77 -4.74 -19.43
CA PHE B 224 9.23 -3.71 -18.57
C PHE B 224 7.98 -4.14 -17.79
N ASP B 225 7.00 -4.78 -18.41
CA ASP B 225 5.76 -5.13 -17.68
C ASP B 225 6.04 -6.02 -16.47
N SER B 226 6.97 -6.94 -16.62
CA SER B 226 7.36 -7.83 -15.53
C SER B 226 8.09 -7.18 -14.40
N THR B 227 8.77 -6.07 -14.68
CA THR B 227 9.46 -5.31 -13.68
C THR B 227 8.57 -4.43 -12.83
N VAL B 228 7.32 -4.19 -13.24
CA VAL B 228 6.41 -3.30 -12.48
C VAL B 228 5.94 -4.08 -11.28
N THR B 229 6.22 -3.53 -10.10
CA THR B 229 5.80 -4.19 -8.86
C THR B 229 4.39 -3.81 -8.45
N GLU B 230 3.92 -4.49 -7.43
CA GLU B 230 2.61 -4.22 -6.90
C GLU B 230 2.61 -2.85 -6.27
N ARG B 231 3.70 -2.48 -5.65
CA ARG B 231 3.80 -1.15 -5.07
C ARG B 231 3.78 -0.05 -6.14
N ASP B 232 4.45 -0.29 -7.24
CA ASP B 232 4.44 0.61 -8.39
C ASP B 232 3.00 0.87 -8.82
N ILE B 233 2.23 -0.20 -8.90
CA ILE B 233 0.85 -0.17 -9.33
C ILE B 233 -0.04 0.52 -8.34
N ARG B 234 0.16 0.28 -7.04
CA ARG B 234 -0.57 1.03 -6.04
C ARG B 234 -0.15 2.50 -5.98
N THR B 235 1.11 2.79 -6.32
CA THR B 235 1.54 4.19 -6.43
C THR B 235 0.81 4.88 -7.57
N GLU B 236 0.68 4.19 -8.72
CA GLU B 236 -0.07 4.76 -9.83
C GLU B 236 -1.47 5.11 -9.40
N GLU B 237 -2.10 4.22 -8.66
CA GLU B 237 -3.45 4.52 -8.12
C GLU B 237 -3.48 5.81 -7.26
N SER B 238 -2.48 6.01 -6.44
CA SER B 238 -2.42 7.18 -5.57
C SER B 238 -2.26 8.50 -6.41
N ILE B 239 -1.62 8.40 -7.59
CA ILE B 239 -1.57 9.49 -8.49
C ILE B 239 -2.94 9.77 -9.14
N TYR B 240 -3.62 8.74 -9.63
CA TYR B 240 -5.00 8.91 -10.10
C TYR B 240 -5.88 9.56 -9.03
N GLN B 241 -5.74 9.12 -7.80
CA GLN B 241 -6.58 9.61 -6.72
C GLN B 241 -6.21 11.06 -6.27
N ALA B 242 -5.03 11.54 -6.65
CA ALA B 242 -4.65 12.90 -6.37
C ALA B 242 -5.42 13.89 -7.28
N CYS B 243 -6.03 13.36 -8.35
CA CYS B 243 -6.98 14.12 -9.17
C CYS B 243 -8.27 14.43 -8.40
N SER B 244 -8.98 15.44 -8.88
CA SER B 244 -10.29 15.80 -8.40
C SER B 244 -11.27 14.94 -9.15
N LEU B 245 -11.83 13.96 -8.47
CA LEU B 245 -12.68 12.93 -9.09
C LEU B 245 -14.00 12.76 -8.35
N PRO B 246 -15.09 12.36 -9.03
CA PRO B 246 -16.29 11.95 -8.32
C PRO B 246 -16.07 10.69 -7.53
N GLN B 247 -16.78 10.56 -6.42
CA GLN B 247 -16.58 9.46 -5.50
C GLN B 247 -16.80 8.13 -6.20
N GLU B 248 -17.75 8.07 -7.10
CA GLU B 248 -18.06 6.81 -7.75
C GLU B 248 -16.79 6.32 -8.56
N ALA B 249 -16.14 7.24 -9.29
CA ALA B 249 -14.88 6.97 -10.01
C ALA B 249 -13.76 6.53 -9.04
N ARG B 250 -13.68 7.19 -7.89
CA ARG B 250 -12.66 6.82 -6.90
C ARG B 250 -12.81 5.41 -6.40
N THR B 251 -14.03 4.98 -6.12
CA THR B 251 -14.28 3.64 -5.71
C THR B 251 -13.95 2.61 -6.75
N VAL B 252 -14.45 2.83 -7.95
CA VAL B 252 -14.16 1.85 -8.99
C VAL B 252 -12.65 1.79 -9.35
N ILE B 253 -11.99 2.93 -9.35
CA ILE B 253 -10.54 2.94 -9.57
C ILE B 253 -9.78 2.12 -8.55
N HIS B 254 -10.16 2.23 -7.28
CA HIS B 254 -9.56 1.41 -6.24
C HIS B 254 -9.86 -0.04 -6.41
N SER B 255 -11.10 -0.37 -6.81
CA SER B 255 -11.46 -1.73 -7.05
C SER B 255 -10.68 -2.38 -8.21
N LEU B 256 -10.62 -1.67 -9.33
CA LEU B 256 -9.86 -2.18 -10.47
C LEU B 256 -8.39 -2.38 -10.08
N THR B 257 -7.90 -1.48 -9.26
CA THR B 257 -6.52 -1.57 -8.82
C THR B 257 -6.30 -2.82 -8.03
N GLU B 258 -7.17 -3.08 -7.06
CA GLU B 258 -6.96 -4.23 -6.16
C GLU B 258 -7.30 -5.54 -6.79
N ARG B 259 -8.28 -5.48 -7.69
CA ARG B 259 -8.86 -6.71 -8.23
C ARG B 259 -8.19 -7.14 -9.56
N LEU B 260 -7.60 -6.17 -10.26
CA LEU B 260 -7.12 -6.39 -11.64
C LEU B 260 -5.72 -5.86 -11.78
N TYR B 261 -5.47 -4.58 -11.51
CA TYR B 261 -4.16 -4.00 -11.93
C TYR B 261 -2.94 -4.55 -11.19
N VAL B 262 -3.09 -4.79 -9.89
CA VAL B 262 -1.99 -5.30 -9.10
C VAL B 262 -1.69 -6.77 -9.31
N GLY B 263 -2.58 -7.50 -9.98
CA GLY B 263 -2.38 -8.93 -10.21
C GLY B 263 -3.64 -9.74 -10.20
N GLY B 264 -3.47 -11.05 -10.42
CA GLY B 264 -4.62 -11.93 -10.45
C GLY B 264 -4.40 -13.21 -11.19
N PRO B 265 -5.40 -14.08 -11.18
CA PRO B 265 -5.26 -15.41 -11.74
C PRO B 265 -5.35 -15.31 -13.27
N MET B 266 -4.68 -16.21 -13.97
CA MET B 266 -4.65 -16.28 -15.45
C MET B 266 -5.20 -17.65 -15.87
N THR B 267 -6.04 -17.62 -16.88
CA THR B 267 -6.65 -18.76 -17.51
C THR B 267 -6.20 -18.85 -18.96
N ASN B 268 -5.91 -20.06 -19.43
CA ASN B 268 -5.62 -20.27 -20.82
C ASN B 268 -6.88 -20.30 -21.70
N SER B 269 -6.73 -20.40 -23.03
CA SER B 269 -7.88 -20.38 -23.92
C SER B 269 -8.84 -21.58 -23.75
N LYS B 270 -8.32 -22.69 -23.25
CA LYS B 270 -9.15 -23.91 -22.98
C LYS B 270 -9.95 -23.85 -21.66
N GLY B 271 -9.83 -22.74 -20.92
CA GLY B 271 -10.42 -22.62 -19.59
C GLY B 271 -9.66 -23.18 -18.38
N GLN B 272 -8.40 -23.58 -18.54
CA GLN B 272 -7.57 -24.11 -17.46
C GLN B 272 -6.80 -22.98 -16.76
N SER B 273 -6.66 -23.09 -15.44
CA SER B 273 -5.83 -22.23 -14.64
C SER B 273 -4.39 -22.39 -15.10
N CYS B 274 -3.80 -21.28 -15.50
CA CYS B 274 -2.50 -21.28 -16.13
C CYS B 274 -1.42 -20.73 -15.20
N GLY B 275 -1.77 -19.70 -14.42
CA GLY B 275 -0.88 -19.02 -13.51
C GLY B 275 -1.46 -17.86 -12.67
N TYR B 276 -0.56 -17.21 -11.94
CA TYR B 276 -0.87 -16.01 -11.20
C TYR B 276 0.15 -14.86 -11.50
N ARG B 277 -0.40 -13.68 -11.74
CA ARG B 277 0.37 -12.49 -12.16
C ARG B 277 0.51 -11.59 -10.91
N ARG B 278 1.71 -11.04 -10.69
CA ARG B 278 1.96 -9.95 -9.70
C ARG B 278 2.75 -8.78 -10.30
N CYS B 279 2.39 -8.48 -11.54
CA CYS B 279 3.08 -7.46 -12.31
C CYS B 279 2.05 -6.83 -13.26
N ARG B 280 2.51 -5.95 -14.14
CA ARG B 280 1.60 -5.27 -15.03
C ARG B 280 0.97 -6.24 -16.00
N ALA B 281 -0.35 -6.12 -16.23
CA ALA B 281 -1.04 -6.86 -17.30
C ALA B 281 -0.87 -6.08 -18.61
N SER B 282 -0.45 -6.74 -19.68
CA SER B 282 -0.19 -6.06 -20.93
C SER B 282 -1.45 -5.60 -21.62
N GLY B 283 -2.59 -6.19 -21.29
CA GLY B 283 -3.81 -5.94 -22.01
C GLY B 283 -4.87 -5.23 -21.22
N VAL B 284 -4.53 -4.38 -20.25
CA VAL B 284 -5.55 -3.54 -19.63
C VAL B 284 -5.47 -2.10 -20.14
N PHE B 285 -6.55 -1.37 -19.93
CA PHE B 285 -6.60 0.03 -20.37
C PHE B 285 -5.41 0.83 -19.93
N THR B 286 -5.05 0.73 -18.66
CA THR B 286 -4.05 1.62 -18.07
C THR B 286 -2.62 1.24 -18.33
N THR B 287 -2.36 0.21 -19.13
CA THR B 287 -1.01 -0.26 -19.34
C THR B 287 -0.15 0.81 -19.94
N SER B 288 -0.70 1.55 -20.90
CA SER B 288 0.10 2.60 -21.54
C SER B 288 0.37 3.84 -20.66
N MET B 289 -0.68 4.41 -20.07
CA MET B 289 -0.55 5.52 -19.14
C MET B 289 0.31 5.13 -17.94
N GLY B 290 0.03 3.95 -17.38
CA GLY B 290 0.74 3.43 -16.21
C GLY B 290 2.22 3.28 -16.44
N ASN B 291 2.59 2.54 -17.49
CA ASN B 291 3.99 2.41 -17.86
C ASN B 291 4.65 3.75 -18.09
N THR B 292 3.97 4.62 -18.81
CA THR B 292 4.57 5.93 -19.13
C THR B 292 4.90 6.70 -17.86
N MET B 293 3.95 6.71 -16.89
CA MET B 293 4.13 7.43 -15.63
C MET B 293 5.21 6.79 -14.77
N THR B 294 5.24 5.45 -14.73
CA THR B 294 6.23 4.74 -13.92
C THR B 294 7.64 4.91 -14.42
N CYS B 295 7.77 4.74 -15.70
CA CYS B 295 9.06 4.97 -16.41
C CYS B 295 9.51 6.39 -16.22
N TYR B 296 8.62 7.36 -16.33
CA TYR B 296 9.00 8.76 -16.11
C TYR B 296 9.58 9.04 -14.72
N ILE B 297 8.85 8.58 -13.71
CA ILE B 297 9.29 8.77 -12.33
C ILE B 297 10.62 8.11 -12.11
N LYS B 298 10.77 6.86 -12.49
CA LYS B 298 12.00 6.12 -12.23
C LYS B 298 13.17 6.81 -13.01
N ALA B 299 12.90 7.19 -14.24
CA ALA B 299 13.93 7.74 -15.07
C ALA B 299 14.37 9.14 -14.57
N LEU B 300 13.42 10.00 -14.22
CA LEU B 300 13.76 11.31 -13.79
C LEU B 300 14.55 11.21 -12.47
N ALA B 301 14.14 10.28 -11.61
CA ALA B 301 14.85 10.10 -10.34
C ALA B 301 16.28 9.60 -10.63
N ALA B 302 16.41 8.67 -11.58
CA ALA B 302 17.69 8.06 -11.92
C ALA B 302 18.63 9.14 -12.52
N CYS B 303 18.09 10.09 -13.27
CA CYS B 303 18.91 11.18 -13.83
C CYS B 303 19.53 12.00 -12.67
N LYS B 304 18.73 12.24 -11.64
CA LYS B 304 19.18 12.97 -10.47
C LYS B 304 20.23 12.16 -9.74
N ALA B 305 20.01 10.84 -9.56
CA ALA B 305 20.98 10.00 -8.90
C ALA B 305 22.33 9.96 -9.66
N ALA B 306 22.28 10.03 -10.98
CA ALA B 306 23.42 9.89 -11.82
C ALA B 306 24.18 11.19 -12.10
N GLY B 307 23.60 12.35 -11.83
CA GLY B 307 24.23 13.61 -12.18
C GLY B 307 24.06 14.02 -13.61
N ILE B 308 23.01 13.50 -14.27
CA ILE B 308 22.73 13.92 -15.64
C ILE B 308 22.25 15.36 -15.58
N VAL B 309 22.85 16.22 -16.40
CA VAL B 309 22.57 17.62 -16.25
C VAL B 309 21.67 18.15 -17.35
N ASP B 310 20.62 18.80 -16.88
CA ASP B 310 19.55 19.41 -17.67
C ASP B 310 18.78 18.37 -18.48
N PRO B 311 18.30 17.28 -17.89
CA PRO B 311 17.75 16.20 -18.71
C PRO B 311 16.44 16.62 -19.37
N VAL B 312 16.28 16.37 -20.65
CA VAL B 312 15.00 16.55 -21.34
C VAL B 312 14.57 15.15 -21.71
N MET B 313 13.42 14.65 -21.25
CA MET B 313 13.07 13.25 -21.57
C MET B 313 11.90 13.16 -22.54
N LEU B 314 11.82 12.09 -23.32
CA LEU B 314 10.65 11.76 -24.08
C LEU B 314 10.27 10.30 -23.74
N VAL B 315 9.09 10.14 -23.13
CA VAL B 315 8.67 8.84 -22.57
C VAL B 315 7.42 8.35 -23.28
N CYS B 316 7.47 7.18 -23.89
CA CYS B 316 6.31 6.55 -24.56
C CYS B 316 6.19 5.16 -24.01
N GLY B 317 5.44 5.04 -22.95
CA GLY B 317 5.24 3.78 -22.29
C GLY B 317 6.56 3.38 -21.66
N ASP B 318 7.08 2.21 -22.02
CA ASP B 318 8.38 1.77 -21.54
C ASP B 318 9.56 2.34 -22.33
N ASP B 319 9.30 3.05 -23.41
CA ASP B 319 10.40 3.58 -24.24
C ASP B 319 10.89 4.92 -23.73
N LEU B 320 12.21 5.13 -23.58
CA LEU B 320 12.73 6.31 -22.97
C LEU B 320 13.92 6.85 -23.70
N VAL B 321 13.91 8.14 -24.01
CA VAL B 321 15.06 8.88 -24.56
C VAL B 321 15.31 10.02 -23.67
N VAL B 322 16.57 10.23 -23.31
CA VAL B 322 17.04 11.31 -22.51
C VAL B 322 18.10 12.11 -23.25
N ILE B 323 17.88 13.42 -23.37
CA ILE B 323 18.83 14.30 -24.00
C ILE B 323 19.36 15.23 -22.94
N SER B 324 20.68 15.38 -22.84
CA SER B 324 21.27 16.26 -21.82
C SER B 324 22.58 16.93 -22.28
N GLU B 325 23.21 17.76 -21.41
CA GLU B 325 24.52 18.35 -21.68
C GLU B 325 25.62 17.37 -21.48
N SER B 326 26.45 17.18 -22.51
CA SER B 326 27.53 16.25 -22.37
C SER B 326 28.49 16.80 -21.31
N GLN B 327 28.99 15.90 -20.47
CA GLN B 327 29.96 16.27 -19.44
C GLN B 327 31.38 15.81 -19.80
N GLY B 328 31.58 15.50 -21.08
CA GLY B 328 32.80 14.88 -21.57
C GLY B 328 32.65 13.39 -21.78
N ASN B 329 33.53 12.82 -22.60
CA ASN B 329 33.37 11.48 -23.09
C ASN B 329 33.36 10.48 -21.95
N GLU B 330 34.40 10.52 -21.11
CA GLU B 330 34.52 9.51 -20.06
C GLU B 330 33.41 9.73 -19.00
N GLU B 331 33.15 10.98 -18.70
CA GLU B 331 32.13 11.31 -17.67
C GLU B 331 30.69 10.88 -18.17
N ASP B 332 30.39 11.07 -19.45
CA ASP B 332 29.07 10.62 -19.96
C ASP B 332 28.95 9.12 -19.78
N GLU B 333 30.01 8.37 -20.06
CA GLU B 333 29.97 6.93 -19.88
C GLU B 333 29.77 6.51 -18.39
N ARG B 334 30.48 7.16 -17.48
CA ARG B 334 30.30 6.97 -16.04
C ARG B 334 28.82 7.29 -15.61
N ASN B 335 28.32 8.41 -16.03
CA ASN B 335 26.99 8.86 -15.67
C ASN B 335 25.86 7.87 -16.15
N LEU B 336 26.03 7.29 -17.34
CA LEU B 336 25.08 6.34 -17.85
C LEU B 336 25.12 5.07 -17.06
N ARG B 337 26.31 4.64 -16.64
CA ARG B 337 26.36 3.43 -15.82
C ARG B 337 25.65 3.70 -14.46
N ALA B 338 25.83 4.90 -13.89
CA ALA B 338 25.20 5.28 -12.60
C ALA B 338 23.66 5.37 -12.80
N PHE B 339 23.27 5.83 -13.99
CA PHE B 339 21.83 5.88 -14.39
C PHE B 339 21.28 4.48 -14.37
N THR B 340 21.99 3.57 -15.04
CA THR B 340 21.59 2.22 -15.08
C THR B 340 21.50 1.53 -13.67
N GLU B 341 22.44 1.83 -12.80
CA GLU B 341 22.44 1.28 -11.44
C GLU B 341 21.20 1.75 -10.69
N ALA B 342 20.82 3.01 -10.86
CA ALA B 342 19.69 3.59 -10.17
C ALA B 342 18.39 2.95 -10.72
N MET B 343 18.27 2.86 -12.07
CA MET B 343 17.10 2.18 -12.67
C MET B 343 16.98 0.76 -12.19
N THR B 344 18.13 0.08 -12.05
CA THR B 344 18.12 -1.30 -11.64
C THR B 344 17.56 -1.37 -10.17
N ARG B 345 18.04 -0.48 -9.29
CA ARG B 345 17.55 -0.44 -7.86
C ARG B 345 16.03 -0.20 -7.83
N TYR B 346 15.52 0.61 -8.77
CA TYR B 346 14.13 0.95 -8.88
C TYR B 346 13.29 -0.12 -9.57
N SER B 347 13.90 -1.24 -9.94
CA SER B 347 13.27 -2.37 -10.55
C SER B 347 12.97 -2.01 -12.02
N ALA B 348 14.01 -1.55 -12.74
CA ALA B 348 13.90 -1.39 -14.17
C ALA B 348 15.27 -1.67 -14.76
N PRO B 349 15.69 -2.92 -14.65
CA PRO B 349 16.98 -3.41 -15.12
C PRO B 349 17.11 -3.37 -16.68
N PRO B 350 18.31 -3.19 -17.19
CA PRO B 350 18.51 -2.92 -18.62
C PRO B 350 18.45 -4.20 -19.42
N GLY B 351 17.99 -4.11 -20.66
CA GLY B 351 18.27 -5.10 -21.71
C GLY B 351 19.62 -4.81 -22.39
N ASP B 352 19.63 -4.09 -23.49
CA ASP B 352 20.88 -3.62 -24.07
C ASP B 352 21.37 -2.44 -23.23
N LEU B 353 22.66 -2.35 -22.91
CA LEU B 353 23.13 -1.24 -22.07
C LEU B 353 22.99 0.06 -22.85
N PRO B 354 22.60 1.16 -22.20
CA PRO B 354 22.58 2.46 -22.89
C PRO B 354 24.01 2.89 -23.33
N ARG B 355 24.09 3.66 -24.41
CA ARG B 355 25.33 4.23 -24.89
C ARG B 355 25.12 5.70 -25.20
N PRO B 356 26.09 6.58 -24.89
CA PRO B 356 25.98 7.98 -25.24
C PRO B 356 26.03 8.11 -26.76
N GLU B 357 25.13 8.89 -27.34
CA GLU B 357 25.12 9.22 -28.77
C GLU B 357 25.22 10.71 -28.94
N TYR B 358 25.94 11.12 -29.97
CA TYR B 358 26.23 12.52 -30.16
C TYR B 358 25.81 12.97 -31.53
N ASP B 359 24.99 12.17 -32.19
CA ASP B 359 24.36 12.56 -33.48
C ASP B 359 22.88 12.23 -33.38
N LEU B 360 22.04 13.25 -33.57
CA LEU B 360 20.60 13.05 -33.33
C LEU B 360 19.97 11.99 -34.20
N GLU B 361 20.47 11.83 -35.44
CA GLU B 361 19.99 10.82 -36.38
C GLU B 361 20.07 9.43 -35.85
N LEU B 362 20.99 9.17 -34.93
CA LEU B 362 21.23 7.83 -34.45
C LEU B 362 20.51 7.52 -33.12
N ILE B 363 19.69 8.45 -32.62
CA ILE B 363 18.90 8.20 -31.41
C ILE B 363 17.51 7.71 -31.86
N THR B 364 17.08 6.63 -31.22
CA THR B 364 15.83 5.92 -31.48
C THR B 364 14.80 6.11 -30.35
N SER B 365 13.62 6.62 -30.69
CA SER B 365 12.45 6.74 -29.78
C SER B 365 11.34 5.91 -30.38
N CYS B 366 10.98 4.82 -29.72
CA CYS B 366 9.95 3.88 -30.25
C CYS B 366 10.31 3.33 -31.63
N SER B 367 11.54 2.92 -31.74
CA SER B 367 12.15 2.42 -32.95
C SER B 367 12.31 3.47 -34.05
N SER B 368 11.89 4.68 -33.84
CA SER B 368 11.97 5.77 -34.87
C SER B 368 13.11 6.70 -34.63
N ASN B 369 13.60 7.38 -35.67
CA ASN B 369 14.63 8.39 -35.54
C ASN B 369 14.32 9.55 -36.44
N VAL B 370 14.96 10.67 -36.19
CA VAL B 370 14.83 11.87 -37.00
C VAL B 370 15.87 11.86 -38.18
N SER B 371 15.42 12.19 -39.37
CA SER B 371 16.34 12.27 -40.53
C SER B 371 15.99 13.57 -41.30
N VAL B 372 16.79 13.95 -42.30
CA VAL B 372 16.55 15.22 -43.00
C VAL B 372 16.61 14.96 -44.52
N ALA B 373 15.92 15.80 -45.28
CA ALA B 373 16.01 15.79 -46.75
C ALA B 373 15.67 17.22 -47.19
N LEU B 374 15.56 17.39 -48.48
CA LEU B 374 15.15 18.65 -49.11
C LEU B 374 13.76 18.55 -49.77
N ASP B 375 13.00 19.65 -49.75
CA ASP B 375 11.75 19.69 -50.44
C ASP B 375 11.95 20.28 -51.84
N SER B 376 10.86 20.51 -52.57
CA SER B 376 10.94 20.94 -53.97
C SER B 376 11.50 22.39 -54.10
N ARG B 377 11.46 23.18 -53.02
CA ARG B 377 12.08 24.53 -53.02
C ARG B 377 13.48 24.55 -52.45
N GLY B 378 14.07 23.38 -52.20
CA GLY B 378 15.43 23.33 -51.69
C GLY B 378 15.54 23.58 -50.18
N ARG B 379 14.44 23.65 -49.46
CA ARG B 379 14.51 23.84 -47.99
C ARG B 379 14.77 22.50 -47.24
N ARG B 380 15.60 22.48 -46.19
CA ARG B 380 15.78 21.27 -45.36
C ARG B 380 14.54 21.00 -44.57
N ARG B 381 14.14 19.73 -44.54
CA ARG B 381 12.98 19.30 -43.86
C ARG B 381 13.30 18.04 -43.07
N TYR B 382 12.86 18.01 -41.83
CA TYR B 382 13.11 16.85 -40.92
C TYR B 382 11.87 16.02 -40.82
N PHE B 383 12.06 14.72 -40.62
CA PHE B 383 10.96 13.81 -40.58
C PHE B 383 11.36 12.58 -39.77
N LEU B 384 10.37 11.85 -39.33
CA LEU B 384 10.54 10.63 -38.64
C LEU B 384 10.65 9.43 -39.59
N THR B 385 11.56 8.51 -39.30
CA THR B 385 11.69 7.29 -40.09
C THR B 385 12.13 6.16 -39.16
N ARG B 386 12.23 4.98 -39.69
CA ARG B 386 12.67 3.79 -38.92
C ARG B 386 13.22 2.82 -39.90
N ASP B 387 13.75 1.74 -39.37
CA ASP B 387 14.21 0.65 -40.21
C ASP B 387 12.99 -0.04 -40.91
N PRO B 388 13.01 -0.19 -42.25
CA PRO B 388 11.84 -0.66 -43.01
C PRO B 388 11.69 -2.20 -43.05
N THR B 389 12.60 -2.94 -42.38
CA THR B 389 12.53 -4.39 -42.42
C THR B 389 11.21 -4.95 -41.92
N THR B 390 10.83 -4.63 -40.67
CA THR B 390 9.60 -5.19 -40.14
C THR B 390 8.40 -4.65 -40.86
N PRO B 391 8.31 -3.37 -41.11
CA PRO B 391 7.20 -2.88 -41.96
C PRO B 391 7.03 -3.65 -43.33
N ILE B 392 8.13 -3.92 -44.02
CA ILE B 392 8.00 -4.55 -45.35
C ILE B 392 7.63 -6.02 -45.19
N THR B 393 8.22 -6.71 -44.21
CA THR B 393 7.89 -8.08 -43.96
C THR B 393 6.41 -8.18 -43.62
N ARG B 394 5.90 -7.29 -42.78
CA ARG B 394 4.50 -7.38 -42.41
C ARG B 394 3.55 -7.04 -43.53
N ALA B 395 3.97 -6.11 -44.39
CA ALA B 395 3.26 -5.77 -45.62
C ALA B 395 3.14 -7.02 -46.54
N ALA B 396 4.20 -7.78 -46.66
CA ALA B 396 4.13 -9.00 -47.47
C ALA B 396 3.18 -10.05 -46.89
N TRP B 397 3.27 -10.27 -45.59
CA TRP B 397 2.39 -11.20 -44.89
C TRP B 397 0.96 -10.78 -45.06
N GLU B 398 0.66 -9.51 -44.85
CA GLU B 398 -0.70 -8.95 -44.93
C GLU B 398 -1.24 -8.87 -46.37
N THR B 399 -0.38 -9.03 -47.36
CA THR B 399 -0.86 -9.04 -48.72
C THR B 399 -1.56 -10.39 -48.93
N VAL B 400 -1.03 -11.45 -48.36
CA VAL B 400 -1.58 -12.78 -48.67
C VAL B 400 -2.48 -13.30 -47.55
N ARG B 401 -2.37 -12.77 -46.34
CA ARG B 401 -3.25 -13.20 -45.23
C ARG B 401 -3.92 -11.93 -44.61
N HIS B 402 -5.21 -11.78 -44.88
CA HIS B 402 -6.02 -10.65 -44.41
C HIS B 402 -5.98 -10.52 -42.89
N SER B 403 -5.83 -9.29 -42.43
CA SER B 403 -5.93 -8.94 -41.01
C SER B 403 -7.07 -7.91 -40.83
N PRO B 404 -7.86 -8.08 -39.79
CA PRO B 404 -8.89 -7.09 -39.43
C PRO B 404 -8.27 -5.73 -39.13
N VAL B 405 -7.01 -5.71 -38.70
CA VAL B 405 -6.28 -4.49 -38.44
C VAL B 405 -4.87 -4.51 -39.15
N ASN B 406 -4.75 -3.66 -40.20
CA ASN B 406 -3.72 -3.53 -41.30
C ASN B 406 -2.41 -2.66 -41.13
N SER B 407 -1.33 -3.23 -40.54
CA SER B 407 -0.12 -2.44 -40.14
C SER B 407 0.47 -1.54 -41.23
N TRP B 408 0.26 -1.91 -42.48
CA TRP B 408 0.80 -1.16 -43.58
C TRP B 408 0.18 0.22 -43.69
N LEU B 409 -1.10 0.35 -43.31
CA LEU B 409 -1.75 1.64 -43.44
C LEU B 409 -1.24 2.61 -42.38
N GLY B 410 -1.02 2.07 -41.20
CA GLY B 410 -0.41 2.79 -40.13
C GLY B 410 0.99 3.22 -40.50
N ASN B 411 1.75 2.38 -41.20
CA ASN B 411 3.12 2.81 -41.61
C ASN B 411 3.07 3.90 -42.68
N ILE B 412 2.11 3.85 -43.56
CA ILE B 412 1.96 4.94 -44.54
C ILE B 412 1.74 6.26 -43.81
N ILE B 413 0.84 6.27 -42.86
CA ILE B 413 0.49 7.52 -42.26
C ILE B 413 1.58 8.10 -41.39
N GLN B 414 2.17 7.26 -40.57
CA GLN B 414 3.22 7.69 -39.70
C GLN B 414 4.50 8.06 -40.46
N TYR B 415 4.84 7.30 -41.50
CA TYR B 415 6.12 7.40 -42.13
C TYR B 415 5.98 7.85 -43.61
N ALA B 416 4.93 8.60 -43.93
CA ALA B 416 4.66 9.06 -45.28
C ALA B 416 5.82 9.72 -45.97
N PRO B 417 6.60 10.58 -45.31
CA PRO B 417 7.65 11.29 -46.05
C PRO B 417 8.84 10.42 -46.41
N THR B 418 8.95 9.19 -45.90
CA THR B 418 10.13 8.39 -46.12
C THR B 418 10.17 7.81 -47.52
N ILE B 419 11.39 7.52 -48.00
CA ILE B 419 11.58 6.93 -49.36
C ILE B 419 11.00 5.53 -49.46
N TRP B 420 11.01 4.77 -48.35
CA TRP B 420 10.51 3.42 -48.36
C TRP B 420 9.01 3.33 -48.39
N VAL B 421 8.33 4.24 -47.69
CA VAL B 421 6.89 4.28 -47.78
C VAL B 421 6.45 4.81 -49.15
N ARG B 422 7.10 5.83 -49.63
CA ARG B 422 6.67 6.44 -50.86
C ARG B 422 6.97 5.57 -52.11
N MET B 423 8.12 4.90 -52.12
CA MET B 423 8.50 4.11 -53.30
C MET B 423 8.00 2.70 -53.27
N VAL B 424 8.00 2.09 -52.08
CA VAL B 424 7.70 0.67 -51.94
C VAL B 424 6.29 0.42 -51.42
N ILE B 425 5.97 0.86 -50.20
CA ILE B 425 4.69 0.50 -49.60
C ILE B 425 3.48 1.09 -50.36
N MET B 426 3.55 2.36 -50.68
CA MET B 426 2.47 3.04 -51.41
C MET B 426 2.23 2.42 -52.81
N THR B 427 3.32 2.17 -53.53
CA THR B 427 3.25 1.54 -54.87
C THR B 427 2.64 0.17 -54.80
N HIS B 428 3.06 -0.63 -53.82
CA HIS B 428 2.55 -2.00 -53.66
C HIS B 428 1.02 -1.99 -53.32
N PHE B 429 0.62 -1.20 -52.32
CA PHE B 429 -0.73 -1.25 -51.88
C PHE B 429 -1.69 -0.48 -52.73
N PHE B 430 -1.26 0.56 -53.44
CA PHE B 430 -2.16 1.22 -54.37
C PHE B 430 -2.44 0.33 -55.59
N SER B 431 -1.46 -0.45 -56.01
CA SER B 431 -1.63 -1.48 -57.04
C SER B 431 -2.65 -2.54 -56.66
N ILE B 432 -2.63 -3.00 -55.40
CA ILE B 432 -3.57 -4.02 -54.89
C ILE B 432 -4.96 -3.45 -54.80
N LEU B 433 -5.10 -2.21 -54.32
CA LEU B 433 -6.41 -1.56 -54.19
C LEU B 433 -7.12 -1.30 -55.51
N LEU B 434 -6.34 -0.94 -56.50
CA LEU B 434 -6.87 -0.83 -57.82
C LEU B 434 -7.32 -2.20 -58.41
N ALA B 435 -6.59 -3.26 -58.15
CA ALA B 435 -6.88 -4.55 -58.73
C ALA B 435 -8.12 -5.09 -58.02
N GLN B 436 -8.30 -4.83 -56.75
CA GLN B 436 -9.55 -5.25 -56.05
C GLN B 436 -10.71 -4.28 -56.14
N ASP B 437 -10.47 -3.10 -56.66
CA ASP B 437 -11.51 -2.08 -56.75
C ASP B 437 -12.04 -1.69 -55.36
N THR B 438 -11.12 -1.58 -54.40
CA THR B 438 -11.49 -1.23 -53.06
C THR B 438 -10.79 0.06 -52.57
N LEU B 439 -10.48 1.00 -53.48
CA LEU B 439 -9.94 2.29 -53.09
C LEU B 439 -10.82 3.00 -52.07
N ASN B 440 -12.13 2.88 -52.24
CA ASN B 440 -13.13 3.65 -51.48
C ASN B 440 -13.68 2.90 -50.28
N GLN B 441 -12.87 2.13 -49.60
CA GLN B 441 -13.39 1.27 -48.54
C GLN B 441 -12.55 1.57 -47.34
N ASN B 442 -13.24 1.81 -46.21
CA ASN B 442 -12.59 2.16 -44.96
C ASN B 442 -11.86 0.95 -44.42
N LEU B 443 -10.71 1.20 -43.86
CA LEU B 443 -9.85 0.13 -43.38
C LEU B 443 -9.45 0.50 -41.95
N ASN B 444 -9.42 -0.49 -41.07
CA ASN B 444 -8.94 -0.33 -39.67
C ASN B 444 -7.45 -0.61 -39.57
N PHE B 445 -6.72 0.21 -38.82
CA PHE B 445 -5.34 -0.04 -38.60
C PHE B 445 -4.94 0.43 -37.21
N GLU B 446 -3.82 -0.11 -36.79
CA GLU B 446 -3.18 0.19 -35.51
C GLU B 446 -2.06 1.17 -35.73
N MET B 447 -1.92 2.08 -34.79
CA MET B 447 -0.82 3.03 -34.71
C MET B 447 -0.80 3.61 -33.27
N TYR B 448 0.38 3.75 -32.65
CA TYR B 448 0.51 4.28 -31.26
C TYR B 448 -0.51 3.74 -30.26
N GLY B 449 -0.69 2.44 -30.23
CA GLY B 449 -1.55 1.83 -29.24
C GLY B 449 -3.02 2.17 -29.33
N ALA B 450 -3.50 2.56 -30.49
CA ALA B 450 -4.93 2.69 -30.72
C ALA B 450 -5.30 2.18 -32.11
N VAL B 451 -6.59 2.06 -32.37
CA VAL B 451 -7.11 1.54 -33.64
C VAL B 451 -7.81 2.69 -34.27
N TYR B 452 -7.59 2.88 -35.58
CA TYR B 452 -8.14 3.97 -36.31
C TYR B 452 -8.86 3.41 -37.55
N SER B 453 -9.59 4.27 -38.23
CA SER B 453 -10.28 3.89 -39.47
C SER B 453 -10.09 4.98 -40.51
N VAL B 454 -9.60 4.60 -41.73
CA VAL B 454 -9.32 5.58 -42.79
C VAL B 454 -9.64 4.98 -44.15
N ASN B 455 -10.10 5.84 -45.04
CA ASN B 455 -10.37 5.52 -46.43
C ASN B 455 -9.08 5.83 -47.22
N PRO B 456 -8.51 4.90 -47.97
CA PRO B 456 -7.32 5.22 -48.73
C PRO B 456 -7.42 6.48 -49.58
N LEU B 457 -8.60 6.82 -50.09
CA LEU B 457 -8.70 7.99 -50.92
C LEU B 457 -8.53 9.31 -50.14
N ASP B 458 -8.59 9.26 -48.82
CA ASP B 458 -8.32 10.45 -48.03
C ASP B 458 -6.83 10.54 -47.66
N LEU B 459 -6.00 9.58 -48.09
CA LEU B 459 -4.59 9.66 -47.75
C LEU B 459 -3.88 10.97 -48.08
N PRO B 460 -4.02 11.51 -49.30
CA PRO B 460 -3.33 12.73 -49.63
C PRO B 460 -3.63 13.85 -48.59
N ALA B 461 -4.89 14.02 -48.19
CA ALA B 461 -5.26 15.09 -47.29
C ALA B 461 -4.70 14.83 -45.88
N ILE B 462 -4.73 13.57 -45.45
CA ILE B 462 -4.18 13.18 -44.15
C ILE B 462 -2.73 13.40 -44.09
N ILE B 463 -2.01 12.98 -45.11
CA ILE B 463 -0.57 13.18 -45.15
C ILE B 463 -0.24 14.68 -45.19
N GLU B 464 -0.95 15.50 -45.98
CA GLU B 464 -0.66 16.92 -45.99
C GLU B 464 -0.89 17.52 -44.61
N ARG B 465 -1.98 17.13 -44.00
CA ARG B 465 -2.29 17.65 -42.67
C ARG B 465 -1.19 17.29 -41.67
N LEU B 466 -0.75 16.04 -41.67
CA LEU B 466 0.22 15.61 -40.66
C LEU B 466 1.64 15.99 -40.93
N HIS B 467 2.01 16.04 -42.19
CA HIS B 467 3.40 16.11 -42.57
C HIS B 467 3.71 17.26 -43.47
N GLY B 468 2.70 17.97 -43.99
CA GLY B 468 2.95 19.08 -44.90
C GLY B 468 2.97 18.66 -46.37
N LEU B 469 2.75 19.62 -47.26
CA LEU B 469 2.93 19.40 -48.72
C LEU B 469 4.30 18.89 -49.09
N GLU B 470 5.29 19.18 -48.23
CA GLU B 470 6.68 18.77 -48.47
C GLU B 470 6.80 17.27 -48.51
N ALA B 471 5.95 16.57 -47.80
CA ALA B 471 5.94 15.13 -47.83
C ALA B 471 5.82 14.49 -49.26
N PHE B 472 5.31 15.26 -50.23
CA PHE B 472 5.15 14.77 -51.61
C PHE B 472 6.27 15.19 -52.53
N SER B 473 7.28 15.84 -51.98
CA SER B 473 8.38 16.32 -52.76
C SER B 473 9.77 16.12 -52.12
N LEU B 474 9.90 15.36 -51.04
CA LEU B 474 11.27 15.15 -50.46
C LEU B 474 12.21 14.43 -51.42
N HIS B 475 13.48 14.83 -51.38
CA HIS B 475 14.54 14.26 -52.24
C HIS B 475 15.89 14.52 -51.55
N THR B 476 16.97 13.91 -52.02
CA THR B 476 18.29 14.07 -51.39
C THR B 476 18.28 13.60 -49.91
N TYR B 477 17.84 12.39 -49.74
CA TYR B 477 17.80 11.74 -48.43
C TYR B 477 19.22 11.48 -47.94
N SER B 478 19.37 11.26 -46.63
CA SER B 478 20.71 11.09 -46.02
C SER B 478 21.32 9.75 -46.37
N PRO B 479 22.64 9.67 -46.33
CA PRO B 479 23.31 8.38 -46.62
C PRO B 479 22.95 7.25 -45.59
N HIS B 480 22.85 7.60 -44.34
CA HIS B 480 22.38 6.65 -43.27
C HIS B 480 21.06 6.08 -43.68
N GLU B 481 20.14 6.95 -44.09
CA GLU B 481 18.82 6.53 -44.47
C GLU B 481 18.80 5.70 -45.75
N LEU B 482 19.51 6.15 -46.80
CA LEU B 482 19.51 5.40 -48.02
C LEU B 482 20.17 4.08 -47.87
N SER B 483 21.20 4.01 -47.06
CA SER B 483 21.95 2.76 -46.84
C SER B 483 21.04 1.76 -46.18
N ARG B 484 20.25 2.24 -45.21
CA ARG B 484 19.37 1.36 -44.49
C ARG B 484 18.25 0.78 -45.39
N VAL B 485 17.67 1.61 -46.22
CA VAL B 485 16.65 1.11 -47.11
C VAL B 485 17.26 0.11 -48.11
N ALA B 486 18.40 0.46 -48.68
CA ALA B 486 19.16 -0.47 -49.57
C ALA B 486 19.48 -1.82 -48.97
N ALA B 487 19.99 -1.84 -47.75
CA ALA B 487 20.21 -3.05 -47.04
C ALA B 487 18.97 -3.90 -46.80
N THR B 488 17.86 -3.25 -46.51
CA THR B 488 16.62 -3.96 -46.28
C THR B 488 16.17 -4.63 -47.56
N LEU B 489 16.20 -3.88 -48.65
CA LEU B 489 15.78 -4.48 -49.94
C LEU B 489 16.67 -5.68 -50.30
N ARG B 490 17.94 -5.57 -50.03
CA ARG B 490 18.88 -6.67 -50.35
C ARG B 490 18.60 -7.88 -49.45
N LYS B 491 18.35 -7.62 -48.17
CA LYS B 491 18.08 -8.63 -47.18
C LYS B 491 16.84 -9.44 -47.48
N LEU B 492 15.79 -8.75 -47.92
CA LEU B 492 14.52 -9.35 -48.16
C LEU B 492 14.37 -9.85 -49.56
N GLY B 493 15.33 -9.54 -50.41
CA GLY B 493 15.23 -9.86 -51.83
C GLY B 493 14.09 -9.16 -52.55
N ALA B 494 13.94 -7.90 -52.24
CA ALA B 494 12.99 -7.08 -52.88
C ALA B 494 13.59 -6.42 -54.11
N PRO B 495 12.73 -6.00 -55.03
CA PRO B 495 13.20 -5.21 -56.20
C PRO B 495 13.88 -3.91 -55.76
N PRO B 496 14.85 -3.41 -56.54
CA PRO B 496 15.56 -2.20 -56.22
C PRO B 496 14.65 -1.00 -56.49
N LEU B 497 15.01 0.15 -55.92
CA LEU B 497 14.18 1.32 -55.96
C LEU B 497 13.87 1.76 -57.38
N ARG B 498 14.82 1.58 -58.30
CA ARG B 498 14.52 1.87 -59.69
C ARG B 498 13.38 1.02 -60.26
N ALA B 499 13.23 -0.21 -59.82
CA ALA B 499 12.11 -1.04 -60.27
C ALA B 499 10.75 -0.58 -59.70
N TRP B 500 10.77 -0.14 -58.43
CA TRP B 500 9.56 0.43 -57.78
C TRP B 500 9.18 1.72 -58.51
N LYS B 501 10.14 2.46 -59.04
CA LYS B 501 9.81 3.66 -59.77
C LYS B 501 9.09 3.28 -61.09
N SER B 502 9.56 2.25 -61.81
CA SER B 502 8.87 1.78 -63.03
C SER B 502 7.43 1.38 -62.74
N ARG B 503 7.28 0.67 -61.63
CA ARG B 503 5.93 0.23 -61.22
C ARG B 503 5.03 1.39 -60.90
N ALA B 504 5.57 2.35 -60.19
CA ALA B 504 4.85 3.55 -59.75
C ALA B 504 4.33 4.38 -60.90
N ARG B 505 5.10 4.51 -61.97
CA ARG B 505 4.55 5.25 -63.10
C ARG B 505 3.25 4.69 -63.53
N ALA B 506 3.16 3.38 -63.63
CA ALA B 506 1.95 2.70 -64.05
C ALA B 506 0.80 2.79 -63.04
N VAL B 507 1.11 2.70 -61.75
CA VAL B 507 0.08 2.85 -60.74
C VAL B 507 -0.48 4.27 -60.83
N ARG B 508 0.40 5.26 -60.97
CA ARG B 508 -0.02 6.66 -61.06
C ARG B 508 -0.97 6.93 -62.23
N ALA B 509 -0.62 6.37 -63.39
CA ALA B 509 -1.43 6.51 -64.58
C ALA B 509 -2.78 5.94 -64.39
N SER B 510 -2.86 4.79 -63.69
CA SER B 510 -4.09 4.09 -63.46
C SER B 510 -4.99 4.92 -62.51
N LEU B 511 -4.38 5.46 -61.45
CA LEU B 511 -5.12 6.27 -60.52
C LEU B 511 -5.66 7.54 -61.21
N ILE B 512 -4.85 8.20 -61.98
CA ILE B 512 -5.30 9.40 -62.69
C ILE B 512 -6.50 9.09 -63.63
N ALA B 513 -6.47 7.94 -64.29
CA ALA B 513 -7.51 7.60 -65.26
C ALA B 513 -8.80 7.29 -64.55
N GLN B 514 -8.74 6.82 -63.30
CA GLN B 514 -9.92 6.58 -62.52
C GLN B 514 -10.65 7.87 -62.20
N GLY B 515 -9.97 8.99 -62.23
CA GLY B 515 -10.56 10.30 -61.99
C GLY B 515 -10.88 10.62 -60.54
N ALA B 516 -11.48 11.78 -60.32
CA ALA B 516 -11.96 12.15 -58.99
C ALA B 516 -10.85 12.05 -57.87
N ARG B 517 -11.21 11.52 -56.72
CA ARG B 517 -10.26 11.42 -55.61
C ARG B 517 -9.10 10.49 -55.94
N ALA B 518 -9.35 9.48 -56.76
CA ALA B 518 -8.26 8.57 -57.06
C ALA B 518 -7.18 9.31 -57.82
N ALA B 519 -7.58 10.29 -58.63
CA ALA B 519 -6.65 11.01 -59.41
C ALA B 519 -5.80 11.92 -58.53
N ILE B 520 -6.36 12.40 -57.42
CA ILE B 520 -5.57 13.22 -56.49
C ILE B 520 -4.53 12.33 -55.90
N CYS B 521 -4.88 11.11 -55.55
CA CYS B 521 -3.91 10.13 -55.04
C CYS B 521 -2.76 9.93 -56.05
N GLY B 522 -3.11 9.73 -57.31
CA GLY B 522 -2.04 9.59 -58.30
C GLY B 522 -1.13 10.77 -58.41
N ARG B 523 -1.73 11.98 -58.48
CA ARG B 523 -0.93 13.18 -58.73
C ARG B 523 -0.06 13.54 -57.58
N TYR B 524 -0.62 13.42 -56.36
CA TYR B 524 0.15 13.82 -55.19
C TYR B 524 1.14 12.77 -54.69
N LEU B 525 0.62 11.60 -54.43
CA LEU B 525 1.39 10.51 -53.83
C LEU B 525 2.52 10.01 -54.76
N PHE B 526 2.36 10.11 -56.07
CA PHE B 526 3.34 9.56 -57.04
C PHE B 526 3.95 10.62 -57.95
N ASN B 527 3.92 11.88 -57.53
CA ASN B 527 4.72 12.94 -58.20
C ASN B 527 6.21 12.63 -58.32
N TRP B 528 6.80 11.91 -57.39
CA TRP B 528 8.22 11.54 -57.43
C TRP B 528 8.51 10.63 -58.64
N ALA B 529 7.51 9.91 -59.15
CA ALA B 529 7.74 8.88 -60.16
C ALA B 529 7.84 9.45 -61.58
N VAL B 530 7.47 10.70 -61.78
CA VAL B 530 7.44 11.22 -63.14
C VAL B 530 8.60 12.17 -63.48
N LYS B 531 8.90 12.20 -64.78
CA LYS B 531 9.88 13.13 -65.39
C LYS B 531 9.53 14.59 -65.17
N THR B 532 8.39 14.99 -65.71
CA THR B 532 7.96 16.37 -65.60
C THR B 532 7.04 16.48 -64.37
N LYS B 533 7.59 17.00 -63.29
CA LYS B 533 6.87 17.08 -62.04
C LYS B 533 5.69 18.07 -62.19
N LEU B 534 4.56 17.75 -61.55
CA LEU B 534 3.45 18.68 -61.40
C LEU B 534 3.74 19.61 -60.23
N LYS B 535 3.15 20.81 -60.28
CA LYS B 535 3.26 21.81 -59.21
C LYS B 535 2.12 21.59 -58.27
N LEU B 536 2.42 20.96 -57.15
CA LEU B 536 1.44 20.59 -56.20
C LEU B 536 0.94 21.78 -55.33
N THR B 537 -0.38 21.95 -55.31
CA THR B 537 -1.05 22.98 -54.48
C THR B 537 -1.70 22.38 -53.25
N PRO B 538 -1.87 23.18 -52.19
CA PRO B 538 -2.48 22.64 -50.97
C PRO B 538 -3.88 22.08 -51.19
N LEU B 539 -4.21 20.95 -50.54
CA LEU B 539 -5.50 20.31 -50.66
C LEU B 539 -6.42 20.96 -49.66
N PRO B 540 -7.55 21.53 -50.16
CA PRO B 540 -8.54 22.17 -49.28
C PRO B 540 -8.96 21.27 -48.14
N GLU B 541 -9.09 19.99 -48.37
CA GLU B 541 -9.63 19.11 -47.34
C GLU B 541 -8.64 18.92 -46.18
N ALA B 542 -7.34 19.11 -46.42
CA ALA B 542 -6.30 18.86 -45.42
C ALA B 542 -6.46 19.72 -44.19
N SER B 543 -6.71 21.01 -44.40
CA SER B 543 -6.92 21.93 -43.24
C SER B 543 -8.28 21.77 -42.56
N ARG B 544 -9.24 21.05 -43.17
CA ARG B 544 -10.55 20.72 -42.56
C ARG B 544 -10.68 19.42 -41.77
N LEU B 545 -9.70 18.52 -41.87
CA LEU B 545 -9.87 17.16 -41.33
C LEU B 545 -10.13 17.19 -39.84
N ASP B 546 -11.04 16.31 -39.37
CA ASP B 546 -11.32 16.17 -37.95
C ASP B 546 -10.40 15.06 -37.36
N LEU B 547 -9.18 15.41 -36.96
CA LEU B 547 -8.28 14.45 -36.32
C LEU B 547 -8.37 14.57 -34.77
N SER B 548 -9.55 14.95 -34.26
CA SER B 548 -9.67 15.21 -32.83
C SER B 548 -9.48 13.82 -32.24
N GLY B 549 -8.44 13.69 -31.46
CA GLY B 549 -8.23 12.46 -30.75
C GLY B 549 -7.20 11.53 -31.31
N TRP B 550 -6.56 11.85 -32.44
CA TRP B 550 -5.60 10.87 -32.97
C TRP B 550 -4.35 10.58 -32.09
N PHE B 551 -3.76 11.58 -31.52
CA PHE B 551 -2.55 11.32 -30.77
C PHE B 551 -2.82 11.79 -29.38
N THR B 552 -3.53 10.97 -28.63
CA THR B 552 -3.89 11.38 -27.27
C THR B 552 -3.62 10.30 -26.25
N VAL B 553 -4.20 9.14 -26.49
CA VAL B 553 -4.35 8.11 -25.49
C VAL B 553 -4.12 6.77 -26.15
N GLY B 554 -3.22 5.96 -25.59
CA GLY B 554 -3.06 4.58 -26.01
C GLY B 554 -3.77 3.66 -25.01
N ALA B 555 -3.89 2.38 -25.36
CA ALA B 555 -4.45 1.38 -24.42
C ALA B 555 -3.67 0.09 -24.52
N GLY B 556 -3.74 -0.73 -23.47
CA GLY B 556 -3.12 -2.01 -23.48
C GLY B 556 -3.67 -2.80 -24.65
N GLY B 557 -2.78 -3.44 -25.39
CA GLY B 557 -3.20 -4.29 -26.49
C GLY B 557 -3.82 -3.47 -27.62
N GLY B 558 -3.61 -2.14 -27.59
CA GLY B 558 -4.25 -1.25 -28.55
C GLY B 558 -5.79 -1.26 -28.55
N ASP B 559 -6.41 -1.62 -27.42
CA ASP B 559 -7.87 -1.75 -27.31
C ASP B 559 -8.64 -0.47 -27.07
N ILE B 560 -8.49 0.48 -27.98
CA ILE B 560 -9.22 1.73 -27.99
C ILE B 560 -9.31 2.20 -29.46
N TYR B 561 -10.45 2.71 -29.83
CA TYR B 561 -10.80 3.08 -31.21
C TYR B 561 -11.12 4.57 -31.34
N HIS B 562 -10.54 5.24 -32.32
CA HIS B 562 -10.96 6.59 -32.66
C HIS B 562 -11.89 6.61 -33.93
N SER B 563 -12.99 7.38 -33.79
CA SER B 563 -14.22 7.43 -34.65
C SER B 563 -15.38 6.91 -33.78
#